data_8THL
#
_entry.id   8THL
#
_cell.length_a   1.00
_cell.length_b   1.00
_cell.length_c   1.00
_cell.angle_alpha   90.00
_cell.angle_beta   90.00
_cell.angle_gamma   90.00
#
_symmetry.space_group_name_H-M   'P 1'
#
loop_
_entity.id
_entity.type
_entity.pdbx_description
1 polymer 'Guanine nucleotide-binding protein G(i) subunit alpha-2,Guanine nucleotide-binding protein G(s) subunit alpha isoforms short,Guanine nucleotide-binding protein G(q) subunit alpha'
2 polymer 'Guanine nucleotide-binding protein G(I)/G(S)/G(T) subunit beta-1'
3 polymer 'Guanine nucleotide-binding protein G(I)/G(S)/G(O) subunit gamma-2'
4 polymer 'Single fab chain (scFv16)'
5 polymer 'Endolysin,Alpha-1A adrenergic receptor'
6 non-polymer L-EPINEPHRINE
#
loop_
_entity_poly.entity_id
_entity_poly.type
_entity_poly.pdbx_seq_one_letter_code
_entity_poly.pdbx_strand_id
1 'polypeptide(L)'
;MGSTVSAEDKAAAERSKMIDKNLREDGEKARRTLRLLLLGADNSGKSTIVKQMRILHGGSGGSGGTSGIFETKFQVDKVN
FHMFDVGGQRDERRKWIQCFNDVTAIIFVVDSSDYNRLQEALNDFKSIWNNRWLRTISVILFLNKQDLLAEKVLAGKSKI
EDYFPEFARYTTPEDATPEPGEDPRVTRAKYFIRKEFVDISTASGDGRHICYPHFTCAVDTENARRIFNDCKDIILQMNL
REYNLV
;
A
2 'polypeptide(L)'
;MHHHHHHLEVLFQGPGSSGSELDQLRQEAEQLKNQIRDARKACADATLSQITNNIDPVGRIQMRTRRTLRGHLAKIYAMH
WGTDSRLLVSASQDGKLIIWDSYTTNKVHAIPLRSSWVMTCAYAPSGNYVACGGLDNICSIYNLKTREGNVRVSRELAGH
TGYLSCCRFLDDNQIVTSSGDTTCALWDIETGQQTTTFTGHTGDVMSLSLAPDTRLFVSGACDASAKLWDVREGMCRQTF
TGHESDINAICFFPNGNAFATGSDDATCRLFDLRADQELMTYSHDNIICGITSVSFSKSGRLLLAGYDDFNCNVWDALKA
DRAGVLAGHDNRVSCLGVTDDGMAVATGSWDSFLKIWN
;
B
3 'polypeptide(L)' MASNNTASIAQARKLVEQLKMEANIDRIKVSKAAADLMAYCEAHAKEDPLLTPVPASENPFREKKFFCAIL G
4 'polypeptide(L)'
;DVQLVESGGGLVQPGGSRKLSCSASGFAFSSFGMHWVRQAPEKGLEWVAYISSGSGTIYYADTVKGRFTISRDDPKNTLF
LQMTSLRSEDTAMYYCVRSIYYYGSSPFDFWGQGTTLTVSSGGGGSGGGGSGGGGSDIVMTQATSSVPVTPGESVSISCR
SSKSLLHSNGNTYLYWFLQRPGQSPQLLIYRMSNLASGVPDRFSGSGSGTAFTLTISRLEAEDVGVYYCMQHLEYPLTFG
AGTKLELKAAALEVLFQGPHHHHHHHH
;
F
5 'polypeptide(L)'
;MKTIIALSYIFCLVFADYKDDDDKNIFEMLRIDEGLRLKIYKDTEGYYTIGIGHLLTKSPSLNAAKSELDKAIGRNTNGV
ITKDEAEKLFNQDVDAAVRGILRNAKLKPVYDSLDAVRRAALINMVFQMGETGVAGFTNSLRMLQQKRWDEAAVNLAKSR
WYNQTPNRAKRVITTFRTGTWDAYAAATQPPAPVNISKAILLGVILGGLILFGVLGNILVILSVACHRHLHSVTHYYIVN
LAVADLLLTSTVLPFSAIFEVLGYWAFGRVFCNIWAAVDVLCCTASIMGLCIISIDRYIGVSYPLRYPTIVTQRRGLMAL
LCVWALSLVISIGPLFGWRQPAPEDETICQINEEPGYVLFSALGSFYLPLAIILVMYCRVYVVAKRESRGLKSGLKTDKS
HFSVRLLKFSREKKAAKTLGIVVGCFVLCWLPFFLVMPIGSFFPDFKPSETVFKIVFWLGYLNSCINPIIYPCSSQEFKK
AFQNVLRIQCLCRKQASLEVLFQ
;
R
#
# COMPACT_ATOMS: atom_id res chain seq x y z
N VAL A 5 -5.54 22.23 -14.08
CA VAL A 5 -5.87 20.94 -13.48
C VAL A 5 -7.38 20.81 -13.32
N SER A 6 -8.06 21.95 -13.18
CA SER A 6 -9.51 22.04 -13.06
C SER A 6 -9.98 21.59 -11.68
N ALA A 7 -11.19 21.97 -11.30
CA ALA A 7 -11.69 21.65 -9.98
C ALA A 7 -11.93 20.15 -9.81
N GLU A 8 -12.38 19.49 -10.87
CA GLU A 8 -12.71 18.06 -10.77
C GLU A 8 -11.47 17.24 -10.46
N ASP A 9 -10.33 17.59 -11.04
CA ASP A 9 -9.10 16.85 -10.80
C ASP A 9 -8.26 17.44 -9.68
N LYS A 10 -8.76 18.44 -8.97
CA LYS A 10 -8.10 18.98 -7.79
C LYS A 10 -8.83 18.63 -6.50
N ALA A 11 -10.16 18.62 -6.51
CA ALA A 11 -10.89 18.05 -5.38
C ALA A 11 -10.60 16.57 -5.25
N ALA A 12 -10.31 15.90 -6.37
CA ALA A 12 -9.87 14.51 -6.30
C ALA A 12 -8.54 14.39 -5.55
N ALA A 13 -7.61 15.30 -5.82
CA ALA A 13 -6.34 15.30 -5.10
C ALA A 13 -6.54 15.61 -3.63
N GLU A 14 -7.46 16.52 -3.31
CA GLU A 14 -7.77 16.80 -1.91
C GLU A 14 -8.35 15.58 -1.21
N ARG A 15 -9.23 14.85 -1.89
CA ARG A 15 -9.77 13.61 -1.33
C ARG A 15 -8.66 12.59 -1.14
N SER A 16 -7.73 12.51 -2.10
CA SER A 16 -6.60 11.61 -1.96
C SER A 16 -5.75 11.97 -0.74
N LYS A 17 -5.54 13.26 -0.50
CA LYS A 17 -4.78 13.68 0.67
C LYS A 17 -5.51 13.33 1.97
N MET A 18 -6.84 13.50 1.99
CA MET A 18 -7.60 13.09 3.17
C MET A 18 -7.46 11.58 3.41
N ILE A 19 -7.52 10.80 2.33
CA ILE A 19 -7.37 9.35 2.46
C ILE A 19 -5.97 9.00 2.94
N ASP A 20 -4.95 9.71 2.47
CA ASP A 20 -3.59 9.50 2.93
C ASP A 20 -3.48 9.79 4.43
N LYS A 21 -4.11 10.87 4.89
CA LYS A 21 -4.09 11.18 6.31
C LYS A 21 -4.74 10.08 7.13
N ASN A 22 -5.89 9.59 6.68
CA ASN A 22 -6.55 8.50 7.40
C ASN A 22 -5.69 7.24 7.42
N LEU A 23 -5.05 6.92 6.29
CA LEU A 23 -4.18 5.75 6.24
C LEU A 23 -3.00 5.89 7.19
N ARG A 24 -2.39 7.07 7.24
CA ARG A 24 -1.27 7.28 8.15
C ARG A 24 -1.72 7.15 9.60
N GLU A 25 -2.89 7.69 9.94
CA GLU A 25 -3.39 7.56 11.30
C GLU A 25 -3.63 6.10 11.66
N ASP A 26 -4.26 5.34 10.76
CA ASP A 26 -4.52 3.94 11.03
C ASP A 26 -3.23 3.14 11.15
N GLY A 27 -2.24 3.44 10.31
CA GLY A 27 -0.96 2.74 10.41
C GLY A 27 -0.23 3.05 11.70
N GLU A 28 -0.25 4.30 12.12
CA GLU A 28 0.35 4.66 13.40
C GLU A 28 -0.36 3.95 14.55
N LYS A 29 -1.69 3.84 14.47
CA LYS A 29 -2.42 3.08 15.48
C LYS A 29 -2.02 1.61 15.48
N ALA A 30 -1.84 1.04 14.29
CA ALA A 30 -1.54 -0.39 14.19
C ALA A 30 -0.12 -0.72 14.62
N ARG A 31 0.82 0.21 14.44
CA ARG A 31 2.21 -0.05 14.79
C ARG A 31 2.43 -0.22 16.29
N ARG A 32 1.48 0.16 17.12
CA ARG A 32 1.63 0.08 18.57
C ARG A 32 1.15 -1.24 19.15
N THR A 33 0.70 -2.18 18.31
CA THR A 33 0.23 -3.48 18.75
C THR A 33 1.12 -4.56 18.17
N LEU A 34 1.56 -5.49 19.03
CA LEU A 34 2.42 -6.58 18.60
C LEU A 34 1.57 -7.77 18.19
N ARG A 35 1.87 -8.34 17.03
CA ARG A 35 1.10 -9.44 16.48
C ARG A 35 1.82 -10.76 16.76
N LEU A 36 1.13 -11.67 17.43
CA LEU A 36 1.66 -12.97 17.80
C LEU A 36 0.94 -14.07 17.02
N LEU A 37 1.69 -15.03 16.50
CA LEU A 37 1.12 -16.15 15.77
C LEU A 37 1.05 -17.35 16.71
N LEU A 38 -0.15 -17.76 17.07
CA LEU A 38 -0.35 -18.87 18.00
C LEU A 38 -0.45 -20.17 17.21
N LEU A 39 0.59 -21.00 17.29
CA LEU A 39 0.64 -22.27 16.58
C LEU A 39 0.47 -23.41 17.57
N GLY A 40 0.65 -24.64 17.08
CA GLY A 40 0.56 -25.81 17.93
C GLY A 40 -0.09 -26.98 17.23
N ALA A 41 -0.81 -27.81 18.00
CA ALA A 41 -1.49 -28.97 17.46
C ALA A 41 -2.75 -29.23 18.27
N ASP A 42 -3.53 -30.21 17.83
CA ASP A 42 -4.74 -30.58 18.56
C ASP A 42 -4.37 -31.20 19.90
N ASN A 43 -5.18 -30.89 20.92
CA ASN A 43 -4.98 -31.38 22.28
C ASN A 43 -3.66 -30.94 22.88
N SER A 44 -3.05 -29.90 22.32
CA SER A 44 -1.83 -29.33 22.87
C SER A 44 -2.11 -28.25 23.92
N GLY A 45 -3.37 -27.95 24.19
CA GLY A 45 -3.72 -26.99 25.21
C GLY A 45 -3.62 -25.55 24.81
N LYS A 46 -3.53 -25.26 23.51
CA LYS A 46 -3.41 -23.87 23.06
C LYS A 46 -4.67 -23.06 23.34
N SER A 47 -5.78 -23.71 23.68
CA SER A 47 -7.03 -23.00 23.87
C SER A 47 -6.99 -22.12 25.12
N THR A 48 -6.33 -22.59 26.18
CA THR A 48 -6.34 -21.90 27.47
C THR A 48 -4.93 -21.50 27.90
N ILE A 49 -4.13 -21.00 26.96
CA ILE A 49 -2.79 -20.54 27.31
C ILE A 49 -2.85 -19.23 28.08
N VAL A 50 -3.66 -18.28 27.61
CA VAL A 50 -3.78 -16.97 28.22
C VAL A 50 -5.24 -16.76 28.61
N LYS A 51 -5.47 -16.35 29.85
CA LYS A 51 -6.82 -16.08 30.33
C LYS A 51 -7.26 -14.68 29.91
N GLY A 68 -12.83 -20.22 10.51
CA GLY A 68 -11.76 -19.42 9.95
C GLY A 68 -10.69 -19.06 10.96
N ILE A 69 -9.89 -18.04 10.63
CA ILE A 69 -8.82 -17.61 11.53
C ILE A 69 -9.44 -16.96 12.77
N PHE A 70 -8.86 -17.26 13.93
CA PHE A 70 -9.34 -16.75 15.20
C PHE A 70 -8.32 -15.78 15.79
N GLU A 71 -8.80 -14.67 16.33
CA GLU A 71 -7.94 -13.62 16.85
C GLU A 71 -8.35 -13.27 18.27
N THR A 72 -7.36 -13.01 19.12
CA THR A 72 -7.60 -12.61 20.49
C THR A 72 -6.66 -11.46 20.83
N LYS A 73 -7.10 -10.59 21.74
CA LYS A 73 -6.31 -9.45 22.16
C LYS A 73 -6.29 -9.38 23.69
N PHE A 74 -5.12 -9.12 24.25
CA PHE A 74 -4.99 -8.98 25.70
C PHE A 74 -3.97 -7.90 26.02
N GLN A 75 -4.25 -7.13 27.06
CA GLN A 75 -3.41 -6.00 27.44
C GLN A 75 -2.74 -6.28 28.78
N VAL A 76 -1.42 -6.14 28.81
CA VAL A 76 -0.64 -6.22 30.05
C VAL A 76 0.37 -5.09 30.06
N ASP A 77 0.48 -4.42 31.21
CA ASP A 77 1.38 -3.28 31.38
C ASP A 77 1.12 -2.21 30.33
N LYS A 78 -0.16 -1.97 30.04
CA LYS A 78 -0.58 -0.98 29.06
C LYS A 78 -0.01 -1.27 27.67
N VAL A 79 0.27 -2.55 27.40
CA VAL A 79 0.73 -3.00 26.09
C VAL A 79 -0.23 -4.06 25.59
N ASN A 80 -0.72 -3.87 24.37
CA ASN A 80 -1.73 -4.76 23.79
C ASN A 80 -1.05 -5.77 22.86
N PHE A 81 -1.35 -7.04 23.08
CA PHE A 81 -0.86 -8.12 22.23
C PHE A 81 -2.03 -8.78 21.52
N HIS A 82 -1.84 -9.05 20.24
CA HIS A 82 -2.80 -9.79 19.43
C HIS A 82 -2.22 -11.14 19.07
N MET A 83 -2.96 -12.20 19.40
CA MET A 83 -2.58 -13.57 19.06
C MET A 83 -3.58 -14.14 18.06
N PHE A 84 -3.07 -14.67 16.96
CA PHE A 84 -3.88 -15.24 15.90
C PHE A 84 -3.58 -16.72 15.79
N ASP A 85 -4.63 -17.55 15.88
CA ASP A 85 -4.51 -18.98 15.69
C ASP A 85 -5.43 -19.39 14.55
N VAL A 86 -4.90 -20.21 13.64
CA VAL A 86 -5.61 -20.60 12.42
C VAL A 86 -6.04 -22.06 12.56
N GLY A 87 -7.33 -22.31 12.39
CA GLY A 87 -7.86 -23.66 12.49
C GLY A 87 -9.37 -23.70 12.58
N ARG A 93 -0.15 -26.09 6.82
CA ARG A 93 0.25 -24.72 7.11
C ARG A 93 1.45 -24.33 6.26
N ARG A 94 1.65 -25.04 5.15
CA ARG A 94 2.80 -24.80 4.31
C ARG A 94 2.71 -23.45 3.59
N LYS A 95 1.51 -23.03 3.19
CA LYS A 95 1.34 -21.87 2.33
C LYS A 95 0.96 -20.62 3.10
N TRP A 96 -0.13 -20.65 3.86
CA TRP A 96 -0.61 -19.43 4.51
C TRP A 96 0.34 -18.91 5.58
N ILE A 97 1.32 -19.71 6.01
CA ILE A 97 2.23 -19.24 7.05
C ILE A 97 3.03 -18.05 6.57
N GLN A 98 3.28 -17.94 5.26
CA GLN A 98 4.00 -16.79 4.74
C GLN A 98 3.23 -15.50 4.92
N CYS A 99 1.92 -15.58 5.13
CA CYS A 99 1.15 -14.38 5.43
C CYS A 99 1.53 -13.78 6.78
N PHE A 100 2.11 -14.58 7.67
CA PHE A 100 2.56 -14.13 8.99
C PHE A 100 4.06 -13.87 9.02
N ASN A 101 4.62 -13.38 7.92
CA ASN A 101 6.05 -13.16 7.82
C ASN A 101 6.53 -12.06 8.77
N ASP A 102 5.66 -11.14 9.17
CA ASP A 102 6.08 -9.97 9.94
C ASP A 102 5.57 -9.99 11.38
N VAL A 103 5.12 -11.13 11.88
CA VAL A 103 4.65 -11.21 13.25
C VAL A 103 5.84 -11.04 14.20
N THR A 104 5.56 -10.51 15.38
CA THR A 104 6.63 -10.29 16.37
C THR A 104 7.16 -11.60 16.91
N ALA A 105 6.28 -12.55 17.20
CA ALA A 105 6.71 -13.82 17.78
C ALA A 105 5.69 -14.90 17.46
N ILE A 106 6.16 -16.14 17.52
CA ILE A 106 5.35 -17.33 17.28
C ILE A 106 5.25 -18.09 18.60
N ILE A 107 4.05 -18.13 19.18
CA ILE A 107 3.79 -18.86 20.40
C ILE A 107 3.49 -20.30 20.00
N PHE A 108 4.48 -21.17 20.15
CA PHE A 108 4.36 -22.58 19.81
C PHE A 108 4.03 -23.36 21.07
N VAL A 109 2.79 -23.80 21.17
CA VAL A 109 2.34 -24.56 22.34
C VAL A 109 2.54 -26.04 22.08
N VAL A 110 3.07 -26.74 23.08
CA VAL A 110 3.35 -28.17 22.99
C VAL A 110 2.87 -28.84 24.26
N ASP A 111 2.22 -29.99 24.10
CA ASP A 111 1.80 -30.82 25.23
C ASP A 111 2.87 -31.88 25.44
N SER A 112 3.62 -31.77 26.53
CA SER A 112 4.69 -32.69 26.84
C SER A 112 4.24 -33.89 27.65
N SER A 113 2.96 -33.94 28.02
CA SER A 113 2.46 -35.06 28.83
C SER A 113 2.61 -36.39 28.10
N ASP A 114 2.23 -36.43 26.82
CA ASP A 114 2.38 -37.65 26.04
C ASP A 114 3.81 -37.76 25.51
N TYR A 115 4.11 -38.92 24.92
CA TYR A 115 5.44 -39.15 24.40
C TYR A 115 5.40 -39.70 22.98
N ASN A 116 4.31 -40.38 22.63
CA ASN A 116 4.16 -40.89 21.27
C ASN A 116 4.08 -39.75 20.26
N ARG A 117 3.29 -38.72 20.57
CA ARG A 117 3.15 -37.56 19.68
C ARG A 117 4.22 -36.51 19.91
N LEU A 118 5.10 -36.71 20.89
CA LEU A 118 6.14 -35.72 21.16
C LEU A 118 7.09 -35.61 19.98
N GLN A 119 7.42 -36.73 19.34
CA GLN A 119 8.27 -36.67 18.15
C GLN A 119 7.58 -35.93 17.02
N GLU A 120 6.26 -36.09 16.90
CA GLU A 120 5.51 -35.34 15.90
C GLU A 120 5.59 -33.84 16.19
N ALA A 121 5.48 -33.45 17.46
CA ALA A 121 5.61 -32.04 17.81
C ALA A 121 7.01 -31.53 17.51
N LEU A 122 8.03 -32.35 17.77
CA LEU A 122 9.39 -31.96 17.45
C LEU A 122 9.57 -31.77 15.95
N ASN A 123 8.99 -32.65 15.14
CA ASN A 123 9.05 -32.50 13.69
C ASN A 123 8.34 -31.22 13.24
N ASP A 124 7.20 -30.92 13.85
CA ASP A 124 6.49 -29.69 13.54
C ASP A 124 7.34 -28.48 13.89
N PHE A 125 8.00 -28.51 15.05
CA PHE A 125 8.85 -27.39 15.44
C PHE A 125 10.04 -27.24 14.50
N LYS A 126 10.63 -28.36 14.07
CA LYS A 126 11.73 -28.29 13.12
C LYS A 126 11.28 -27.71 11.80
N SER A 127 10.10 -28.09 11.33
CA SER A 127 9.57 -27.55 10.09
C SER A 127 9.32 -26.05 10.21
N ILE A 128 8.76 -25.61 11.34
CA ILE A 128 8.47 -24.20 11.52
C ILE A 128 9.76 -23.39 11.63
N TRP A 129 10.75 -23.91 12.35
CA TRP A 129 11.99 -23.17 12.56
C TRP A 129 12.76 -22.96 11.27
N ASN A 130 12.82 -23.98 10.42
CA ASN A 130 13.56 -23.91 9.17
C ASN A 130 12.71 -23.44 8.00
N ASN A 131 11.57 -22.80 8.29
CA ASN A 131 10.73 -22.28 7.22
C ASN A 131 11.41 -21.11 6.51
N ARG A 132 11.19 -21.02 5.20
CA ARG A 132 11.82 -19.95 4.42
C ARG A 132 11.27 -18.59 4.78
N TRP A 133 10.00 -18.50 5.14
CA TRP A 133 9.34 -17.23 5.44
C TRP A 133 9.30 -16.94 6.93
N LEU A 134 10.00 -17.71 7.75
CA LEU A 134 10.04 -17.51 9.19
C LEU A 134 11.46 -17.62 9.71
N ARG A 135 12.43 -17.17 8.92
CA ARG A 135 13.83 -17.28 9.30
C ARG A 135 14.31 -16.14 10.17
N THR A 136 13.46 -15.14 10.46
CA THR A 136 13.84 -14.02 11.31
C THR A 136 12.80 -13.77 12.40
N ILE A 137 12.10 -14.81 12.83
CA ILE A 137 11.06 -14.70 13.85
C ILE A 137 11.41 -15.65 14.99
N SER A 138 11.41 -15.13 16.22
CA SER A 138 11.67 -15.94 17.39
C SER A 138 10.40 -16.66 17.84
N VAL A 139 10.60 -17.77 18.53
CA VAL A 139 9.52 -18.67 18.92
C VAL A 139 9.43 -18.71 20.44
N ILE A 140 8.26 -18.37 20.98
CA ILE A 140 8.01 -18.42 22.42
C ILE A 140 7.43 -19.80 22.70
N LEU A 141 8.30 -20.80 22.86
CA LEU A 141 7.85 -22.16 23.09
C LEU A 141 7.17 -22.29 24.44
N PHE A 142 6.03 -22.97 24.47
CA PHE A 142 5.20 -23.11 25.67
C PHE A 142 4.96 -24.58 25.92
N LEU A 143 5.80 -25.20 26.74
CA LEU A 143 5.63 -26.60 27.09
C LEU A 143 4.46 -26.72 28.05
N ASN A 144 3.27 -26.98 27.52
CA ASN A 144 2.05 -26.94 28.29
C ASN A 144 1.80 -28.28 28.98
N LYS A 145 0.94 -28.24 30.01
CA LYS A 145 0.52 -29.42 30.75
C LYS A 145 1.71 -30.17 31.34
N GLN A 146 2.63 -29.43 31.95
CA GLN A 146 3.74 -30.07 32.64
C GLN A 146 3.29 -30.82 33.89
N ASP A 147 2.13 -30.45 34.45
CA ASP A 147 1.62 -31.18 35.60
C ASP A 147 1.30 -32.62 35.24
N LEU A 148 0.67 -32.83 34.08
CA LEU A 148 0.41 -34.20 33.62
C LEU A 148 1.70 -34.95 33.33
N LEU A 149 2.72 -34.25 32.84
CA LEU A 149 4.03 -34.88 32.67
C LEU A 149 4.58 -35.34 34.02
N ALA A 150 4.45 -34.49 35.05
CA ALA A 150 4.91 -34.87 36.38
C ALA A 150 4.15 -36.07 36.90
N GLU A 151 2.83 -36.09 36.70
CA GLU A 151 2.03 -37.23 37.16
C GLU A 151 2.43 -38.50 36.43
N LYS A 152 2.65 -38.42 35.12
CA LYS A 152 3.04 -39.59 34.35
C LYS A 152 4.40 -40.12 34.77
N VAL A 153 5.34 -39.22 35.04
CA VAL A 153 6.68 -39.68 35.41
C VAL A 153 6.70 -40.17 36.86
N LEU A 154 5.83 -39.65 37.72
CA LEU A 154 5.76 -40.16 39.09
C LEU A 154 5.08 -41.54 39.12
N ALA A 155 4.06 -41.73 38.29
CA ALA A 155 3.40 -43.03 38.23
C ALA A 155 4.36 -44.11 37.72
N GLY A 156 5.18 -43.78 36.72
CA GLY A 156 6.14 -44.72 36.18
C GLY A 156 5.57 -45.71 35.19
N LYS A 157 4.27 -45.64 34.88
CA LYS A 157 3.69 -46.58 33.94
C LYS A 157 4.29 -46.42 32.55
N SER A 158 4.49 -45.19 32.10
CA SER A 158 5.09 -44.90 30.81
C SER A 158 6.49 -44.36 31.01
N LYS A 159 7.45 -44.93 30.30
CA LYS A 159 8.86 -44.55 30.43
C LYS A 159 9.29 -43.78 29.18
N ILE A 160 9.93 -42.64 29.39
CA ILE A 160 10.43 -41.84 28.28
C ILE A 160 11.53 -42.60 27.53
N GLU A 161 12.34 -43.38 28.26
CA GLU A 161 13.41 -44.15 27.63
C GLU A 161 12.87 -45.10 26.56
N ASP A 162 11.63 -45.58 26.73
CA ASP A 162 11.02 -46.41 25.70
C ASP A 162 10.83 -45.63 24.40
N TYR A 163 10.39 -44.37 24.51
CA TYR A 163 10.20 -43.53 23.34
C TYR A 163 11.49 -42.84 22.90
N PHE A 164 12.26 -42.34 23.87
CA PHE A 164 13.54 -41.68 23.58
C PHE A 164 14.66 -42.49 24.23
N PRO A 165 15.39 -43.31 23.47
CA PRO A 165 16.43 -44.14 24.08
C PRO A 165 17.55 -43.34 24.72
N GLU A 166 17.76 -42.09 24.32
CA GLU A 166 18.81 -41.27 24.91
C GLU A 166 18.44 -40.75 26.30
N PHE A 167 17.19 -40.90 26.73
CA PHE A 167 16.79 -40.40 28.05
C PHE A 167 17.52 -41.13 29.17
N ALA A 168 17.73 -42.44 29.01
CA ALA A 168 18.44 -43.21 30.02
C ALA A 168 19.85 -42.70 30.22
N ARG A 169 20.52 -42.32 29.13
CA ARG A 169 21.86 -41.76 29.20
C ARG A 169 21.86 -40.28 29.53
N TYR A 170 20.70 -39.67 29.70
CA TYR A 170 20.60 -38.26 30.02
C TYR A 170 20.41 -38.07 31.52
N THR A 171 21.06 -37.04 32.07
CA THR A 171 20.94 -36.68 33.47
C THR A 171 20.77 -35.18 33.59
N THR A 172 20.15 -34.76 34.69
CA THR A 172 19.93 -33.34 34.91
C THR A 172 21.26 -32.62 35.14
N PRO A 173 21.41 -31.39 34.64
CA PRO A 173 22.62 -30.60 34.84
C PRO A 173 22.88 -30.25 36.30
N ASP A 183 9.98 -33.80 42.56
CA ASP A 183 10.87 -34.95 42.43
C ASP A 183 11.96 -34.67 41.40
N PRO A 184 13.19 -35.10 41.71
CA PRO A 184 14.30 -34.87 40.76
C PRO A 184 14.11 -35.53 39.42
N ARG A 185 13.37 -36.65 39.36
CA ARG A 185 13.09 -37.28 38.07
C ARG A 185 12.25 -36.37 37.18
N VAL A 186 11.28 -35.68 37.78
CA VAL A 186 10.47 -34.74 37.01
C VAL A 186 11.35 -33.64 36.42
N THR A 187 12.27 -33.11 37.22
CA THR A 187 13.18 -32.08 36.74
C THR A 187 14.08 -32.63 35.63
N ARG A 188 14.56 -33.86 35.78
CA ARG A 188 15.39 -34.45 34.72
C ARG A 188 14.60 -34.59 33.42
N ALA A 189 13.34 -35.02 33.50
CA ALA A 189 12.53 -35.17 32.30
C ALA A 189 12.26 -33.81 31.65
N LYS A 190 11.92 -32.81 32.46
CA LYS A 190 11.69 -31.47 31.95
C LYS A 190 12.92 -30.91 31.26
N TYR A 191 14.08 -31.04 31.92
CA TYR A 191 15.32 -30.57 31.33
C TYR A 191 15.64 -31.33 30.05
N PHE A 192 15.32 -32.62 29.99
CA PHE A 192 15.55 -33.38 28.78
C PHE A 192 14.70 -32.86 27.62
N ILE A 193 13.42 -32.59 27.90
CA ILE A 193 12.54 -32.08 26.86
C ILE A 193 13.03 -30.72 26.37
N ARG A 194 13.39 -29.84 27.31
CA ARG A 194 13.88 -28.53 26.92
C ARG A 194 15.19 -28.63 26.14
N LYS A 195 16.08 -29.54 26.55
CA LYS A 195 17.34 -29.71 25.85
C LYS A 195 17.12 -30.20 24.44
N GLU A 196 16.17 -31.13 24.26
CA GLU A 196 15.86 -31.62 22.92
C GLU A 196 15.32 -30.50 22.05
N PHE A 197 14.38 -29.71 22.57
CA PHE A 197 13.82 -28.61 21.79
C PHE A 197 14.88 -27.58 21.44
N VAL A 198 15.74 -27.22 22.40
CA VAL A 198 16.77 -26.21 22.15
C VAL A 198 17.81 -26.75 21.19
N ASP A 199 18.13 -28.05 21.26
CA ASP A 199 19.06 -28.63 20.31
C ASP A 199 18.50 -28.59 18.90
N ILE A 200 17.19 -28.84 18.76
CA ILE A 200 16.55 -28.67 17.45
C ILE A 200 16.64 -27.22 17.01
N SER A 201 16.42 -26.28 17.93
CA SER A 201 16.42 -24.87 17.58
C SER A 201 17.80 -24.39 17.13
N THR A 202 18.85 -24.81 17.82
CA THR A 202 20.19 -24.30 17.57
C THR A 202 20.79 -24.79 16.26
N ALA A 203 20.17 -25.76 15.61
CA ALA A 203 20.68 -26.27 14.33
C ALA A 203 20.49 -25.21 13.25
N SER A 204 21.60 -24.70 12.72
CA SER A 204 21.59 -23.68 11.67
C SER A 204 20.77 -22.46 12.08
N GLY A 205 20.92 -22.04 13.34
CA GLY A 205 20.19 -20.89 13.84
C GLY A 205 20.80 -19.57 13.40
N ASP A 206 22.13 -19.49 13.45
CA ASP A 206 22.88 -18.31 13.04
C ASP A 206 22.59 -17.08 13.91
N GLY A 207 21.79 -17.27 14.97
CA GLY A 207 21.51 -16.20 15.91
C GLY A 207 20.47 -15.20 15.48
N ARG A 208 19.89 -15.34 14.28
CA ARG A 208 18.89 -14.38 13.83
C ARG A 208 17.60 -14.47 14.64
N HIS A 209 17.30 -15.65 15.20
CA HIS A 209 16.11 -15.86 16.00
C HIS A 209 16.38 -16.98 16.98
N ILE A 210 15.88 -16.83 18.20
CA ILE A 210 16.16 -17.76 19.29
C ILE A 210 14.85 -18.20 19.93
N CYS A 211 14.69 -19.51 20.11
CA CYS A 211 13.53 -20.03 20.82
C CYS A 211 13.62 -19.73 22.30
N TYR A 212 12.47 -19.45 22.92
CA TYR A 212 12.39 -19.11 24.34
C TYR A 212 11.50 -20.13 25.05
N PRO A 213 12.08 -21.20 25.58
CA PRO A 213 11.25 -22.23 26.22
C PRO A 213 10.62 -21.75 27.51
N HIS A 214 9.48 -22.37 27.85
CA HIS A 214 8.76 -22.06 29.08
C HIS A 214 8.02 -23.32 29.51
N PHE A 215 7.63 -23.34 30.79
CA PHE A 215 6.80 -24.40 31.35
C PHE A 215 5.52 -23.81 31.89
N THR A 216 4.39 -24.38 31.46
CA THR A 216 3.08 -23.87 31.83
C THR A 216 2.15 -25.03 32.15
N CYS A 217 1.42 -24.92 33.25
CA CYS A 217 0.41 -25.90 33.61
C CYS A 217 -0.96 -25.40 33.19
N ALA A 218 -1.97 -26.26 33.39
CA ALA A 218 -3.33 -25.89 32.98
C ALA A 218 -3.85 -24.71 33.81
N VAL A 219 -3.53 -24.69 35.10
CA VAL A 219 -4.07 -23.67 36.01
C VAL A 219 -3.12 -22.50 36.13
N ASP A 220 -2.08 -22.47 35.29
CA ASP A 220 -1.13 -21.37 35.33
C ASP A 220 -1.78 -20.08 34.88
N THR A 221 -1.36 -18.97 35.49
CA THR A 221 -1.89 -17.65 35.15
C THR A 221 -0.79 -16.62 34.93
N GLU A 222 0.48 -17.03 34.93
CA GLU A 222 1.59 -16.13 34.71
C GLU A 222 2.11 -16.19 33.28
N ASN A 223 1.35 -16.80 32.37
CA ASN A 223 1.79 -16.90 30.98
C ASN A 223 1.85 -15.53 30.31
N ALA A 224 0.94 -14.63 30.65
CA ALA A 224 0.95 -13.30 30.05
C ALA A 224 2.25 -12.58 30.37
N ARG A 225 2.73 -12.68 31.62
CA ARG A 225 3.99 -12.04 31.98
C ARG A 225 5.16 -12.64 31.22
N ARG A 226 5.15 -13.97 31.05
CA ARG A 226 6.22 -14.62 30.28
C ARG A 226 6.22 -14.15 28.84
N ILE A 227 5.04 -14.05 28.23
CA ILE A 227 4.94 -13.54 26.86
C ILE A 227 5.44 -12.10 26.80
N PHE A 228 5.07 -11.30 27.80
CA PHE A 228 5.52 -9.91 27.86
C PHE A 228 7.04 -9.82 27.88
N ASN A 229 7.67 -10.59 28.77
CA ASN A 229 9.12 -10.55 28.87
C ASN A 229 9.79 -11.04 27.59
N ASP A 230 9.25 -12.12 27.01
CA ASP A 230 9.82 -12.63 25.78
C ASP A 230 9.71 -11.62 24.64
N CYS A 231 8.56 -10.96 24.52
CA CYS A 231 8.40 -9.94 23.49
C CYS A 231 9.33 -8.75 23.73
N LYS A 232 9.50 -8.35 24.99
CA LYS A 232 10.44 -7.29 25.30
C LYS A 232 11.85 -7.66 24.86
N ASP A 233 12.27 -8.88 25.15
CA ASP A 233 13.61 -9.31 24.74
C ASP A 233 13.72 -9.36 23.22
N ILE A 234 12.68 -9.83 22.54
CA ILE A 234 12.72 -9.91 21.07
C ILE A 234 12.86 -8.52 20.47
N ILE A 235 12.07 -7.57 20.95
CA ILE A 235 12.12 -6.21 20.40
C ILE A 235 13.46 -5.56 20.73
N LEU A 236 13.98 -5.79 21.94
CA LEU A 236 15.28 -5.24 22.29
C LEU A 236 16.37 -5.79 21.38
N GLN A 237 16.34 -7.09 21.09
CA GLN A 237 17.33 -7.66 20.19
C GLN A 237 17.17 -7.12 18.77
N MET A 238 15.93 -6.94 18.33
CA MET A 238 15.72 -6.38 16.99
C MET A 238 16.26 -4.95 16.90
N ASN A 239 16.01 -4.14 17.93
CA ASN A 239 16.54 -2.78 17.93
C ASN A 239 18.06 -2.76 17.97
N LEU A 240 18.66 -3.64 18.78
CA LEU A 240 20.11 -3.70 18.84
C LEU A 240 20.70 -4.12 17.49
N ARG A 241 20.04 -5.05 16.81
CA ARG A 241 20.49 -5.42 15.47
C ARG A 241 20.35 -4.25 14.49
N GLU A 242 19.25 -3.50 14.60
CA GLU A 242 19.05 -2.36 13.70
C GLU A 242 20.10 -1.29 13.91
N TYR A 243 20.46 -1.01 15.16
CA TYR A 243 21.43 0.02 15.47
C TYR A 243 22.87 -0.41 15.22
N ASN A 244 23.08 -1.52 14.52
CA ASN A 244 24.38 -2.04 14.12
C ASN A 244 25.24 -2.44 15.32
N LEU A 245 24.65 -2.57 16.51
CA LEU A 245 25.34 -3.05 17.68
C LEU A 245 25.30 -4.58 17.69
N VAL A 246 25.63 -5.19 18.83
CA VAL A 246 25.50 -6.64 18.97
C VAL A 246 24.05 -7.05 18.73
N GLU B 21 -11.27 -55.30 -5.50
CA GLU B 21 -11.96 -54.22 -6.21
C GLU B 21 -11.10 -52.97 -6.29
N LEU B 22 -10.49 -52.61 -5.16
CA LEU B 22 -9.62 -51.43 -5.13
C LEU B 22 -8.41 -51.60 -6.04
N ASP B 23 -7.82 -52.80 -6.04
CA ASP B 23 -6.68 -53.06 -6.92
C ASP B 23 -7.08 -52.96 -8.38
N GLN B 24 -8.26 -53.50 -8.72
CA GLN B 24 -8.73 -53.42 -10.11
C GLN B 24 -8.96 -51.97 -10.53
N LEU B 25 -9.55 -51.17 -9.65
CA LEU B 25 -9.78 -49.76 -9.99
C LEU B 25 -8.46 -49.01 -10.12
N ARG B 26 -7.48 -49.30 -9.25
CA ARG B 26 -6.17 -48.67 -9.36
C ARG B 26 -5.49 -49.03 -10.67
N GLN B 27 -5.57 -50.32 -11.06
CA GLN B 27 -4.98 -50.75 -12.32
C GLN B 27 -5.66 -50.08 -13.50
N GLU B 28 -7.00 -49.97 -13.45
CA GLU B 28 -7.73 -49.31 -14.52
C GLU B 28 -7.34 -47.83 -14.62
N ALA B 29 -7.20 -47.16 -13.48
CA ALA B 29 -6.79 -45.76 -13.49
C ALA B 29 -5.38 -45.61 -14.06
N GLU B 30 -4.47 -46.50 -13.67
CA GLU B 30 -3.11 -46.46 -14.21
C GLU B 30 -3.11 -46.68 -15.72
N GLN B 31 -3.90 -47.63 -16.19
CA GLN B 31 -3.98 -47.87 -17.64
C GLN B 31 -4.56 -46.66 -18.36
N LEU B 32 -5.59 -46.04 -17.79
CA LEU B 32 -6.16 -44.85 -18.40
C LEU B 32 -5.16 -43.71 -18.46
N LYS B 33 -4.41 -43.50 -17.38
CA LYS B 33 -3.39 -42.46 -17.37
C LYS B 33 -2.29 -42.75 -18.41
N ASN B 34 -1.88 -44.00 -18.52
CA ASN B 34 -0.88 -44.37 -19.52
C ASN B 34 -1.39 -44.12 -20.93
N GLN B 35 -2.65 -44.47 -21.19
CA GLN B 35 -3.22 -44.24 -22.51
C GLN B 35 -3.37 -42.75 -22.82
N ILE B 36 -3.73 -41.95 -21.80
CA ILE B 36 -3.82 -40.51 -21.99
C ILE B 36 -2.44 -39.92 -22.31
N ARG B 37 -1.42 -40.36 -21.59
CA ARG B 37 -0.06 -39.91 -21.88
C ARG B 37 0.38 -40.32 -23.28
N ASP B 38 0.04 -41.55 -23.69
CA ASP B 38 0.38 -42.01 -25.03
C ASP B 38 -0.32 -41.16 -26.09
N ALA B 39 -1.60 -40.84 -25.86
CA ALA B 39 -2.33 -40.00 -26.80
C ALA B 39 -1.72 -38.60 -26.88
N ARG B 40 -1.34 -38.04 -25.73
CA ARG B 40 -0.70 -36.72 -25.73
C ARG B 40 0.61 -36.74 -26.50
N LYS B 41 1.43 -37.78 -26.29
CA LYS B 41 2.69 -37.88 -27.02
C LYS B 41 2.45 -38.10 -28.51
N ALA B 42 1.40 -38.83 -28.87
CA ALA B 42 1.06 -39.01 -30.28
C ALA B 42 0.64 -37.71 -30.95
N CYS B 43 0.19 -36.72 -30.17
CA CYS B 43 -0.17 -35.42 -30.69
C CYS B 43 0.98 -34.41 -30.58
N ALA B 44 2.19 -34.89 -30.30
CA ALA B 44 3.37 -34.04 -30.14
C ALA B 44 4.39 -34.44 -31.20
N ASP B 45 4.26 -33.85 -32.40
CA ASP B 45 5.20 -34.13 -33.47
C ASP B 45 6.30 -33.07 -33.55
N ALA B 46 5.95 -31.80 -33.38
CA ALA B 46 6.89 -30.70 -33.39
C ALA B 46 6.88 -30.00 -32.05
N THR B 47 7.69 -28.95 -31.93
CA THR B 47 7.79 -28.17 -30.71
C THR B 47 7.56 -26.70 -31.03
N LEU B 48 7.02 -25.98 -30.04
CA LEU B 48 6.77 -24.56 -30.23
C LEU B 48 8.05 -23.79 -30.52
N SER B 49 9.16 -24.23 -29.92
CA SER B 49 10.45 -23.60 -30.21
C SER B 49 10.82 -23.78 -31.68
N GLN B 50 10.62 -24.98 -32.22
CA GLN B 50 10.93 -25.22 -33.61
C GLN B 50 9.98 -24.45 -34.54
N ILE B 51 8.71 -24.36 -34.16
CA ILE B 51 7.73 -23.69 -35.01
C ILE B 51 8.07 -22.20 -35.13
N THR B 52 8.41 -21.56 -34.02
CA THR B 52 8.69 -20.14 -33.99
C THR B 52 10.18 -19.83 -34.08
N ASN B 53 11.01 -20.82 -34.42
CA ASN B 53 12.44 -20.58 -34.56
C ASN B 53 12.76 -19.60 -35.68
N ASN B 54 11.85 -19.44 -36.64
CA ASN B 54 12.05 -18.53 -37.76
C ASN B 54 11.27 -17.23 -37.61
N ILE B 55 10.74 -16.94 -36.43
CA ILE B 55 9.96 -15.73 -36.22
C ILE B 55 10.90 -14.59 -35.86
N ASP B 56 10.42 -13.37 -36.04
CA ASP B 56 11.19 -12.19 -35.69
C ASP B 56 11.27 -12.08 -34.16
N PRO B 57 12.44 -11.85 -33.59
CA PRO B 57 12.55 -11.78 -32.14
C PRO B 57 12.03 -10.45 -31.60
N VAL B 58 11.62 -10.49 -30.33
CA VAL B 58 11.13 -9.28 -29.68
C VAL B 58 12.24 -8.24 -29.54
N GLY B 59 13.43 -8.68 -29.15
CA GLY B 59 14.55 -7.78 -28.98
C GLY B 59 14.70 -7.31 -27.54
N ARG B 60 15.08 -6.05 -27.36
CA ARG B 60 15.28 -5.47 -26.04
C ARG B 60 14.09 -4.58 -25.70
N ILE B 61 13.47 -4.84 -24.56
CA ILE B 61 12.35 -4.06 -24.07
C ILE B 61 12.73 -3.48 -22.71
N GLN B 62 12.60 -2.16 -22.56
CA GLN B 62 12.97 -1.46 -21.34
C GLN B 62 11.77 -0.63 -20.87
N MET B 63 10.88 -1.26 -20.11
CA MET B 63 9.78 -0.55 -19.49
C MET B 63 10.28 0.17 -18.24
N ARG B 64 9.79 1.38 -18.03
CA ARG B 64 10.24 2.24 -16.94
C ARG B 64 9.05 2.59 -16.05
N THR B 65 9.35 2.85 -14.79
CA THR B 65 8.31 3.13 -13.80
C THR B 65 7.69 4.49 -14.10
N ARG B 66 6.52 4.48 -14.74
CA ARG B 66 5.82 5.72 -15.03
C ARG B 66 5.17 6.30 -13.78
N ARG B 67 4.57 5.45 -12.94
CA ARG B 67 3.90 5.89 -11.73
C ARG B 67 4.31 5.01 -10.57
N THR B 68 4.34 5.58 -9.38
CA THR B 68 4.54 4.86 -8.14
C THR B 68 3.41 5.20 -7.19
N LEU B 69 2.74 4.17 -6.68
CA LEU B 69 1.51 4.32 -5.91
C LEU B 69 1.82 4.05 -4.44
N ARG B 70 2.21 5.10 -3.73
CA ARG B 70 2.50 5.01 -2.31
C ARG B 70 1.24 5.21 -1.50
N GLY B 71 1.24 4.68 -0.28
CA GLY B 71 0.10 4.82 0.60
C GLY B 71 -0.19 3.59 1.42
N HIS B 72 0.22 2.43 0.94
CA HIS B 72 0.10 1.21 1.72
C HIS B 72 1.13 1.21 2.86
N LEU B 73 0.72 0.70 4.02
CA LEU B 73 1.58 0.63 5.18
C LEU B 73 1.85 -0.82 5.60
N ALA B 74 1.55 -1.77 4.72
CA ALA B 74 1.83 -3.18 4.97
C ALA B 74 2.07 -3.85 3.63
N LYS B 75 2.33 -5.15 3.67
CA LYS B 75 2.59 -5.89 2.45
C LYS B 75 1.34 -5.95 1.58
N ILE B 76 1.51 -5.69 0.29
CA ILE B 76 0.42 -5.81 -0.67
C ILE B 76 0.35 -7.26 -1.14
N TYR B 77 -0.86 -7.81 -1.21
CA TYR B 77 -1.03 -9.20 -1.62
C TYR B 77 -1.68 -9.37 -2.98
N ALA B 78 -2.70 -8.59 -3.30
CA ALA B 78 -3.43 -8.77 -4.54
C ALA B 78 -3.69 -7.42 -5.20
N MET B 79 -3.87 -7.47 -6.52
CA MET B 79 -4.17 -6.27 -7.29
C MET B 79 -4.87 -6.68 -8.58
N HIS B 80 -5.96 -5.99 -8.91
CA HIS B 80 -6.74 -6.29 -10.11
C HIS B 80 -7.06 -4.99 -10.84
N TRP B 81 -6.77 -4.95 -12.13
CA TRP B 81 -7.08 -3.79 -12.95
C TRP B 81 -8.56 -3.71 -13.26
N GLY B 82 -9.03 -2.48 -13.50
CA GLY B 82 -10.39 -2.29 -13.97
C GLY B 82 -10.50 -2.49 -15.48
N THR B 83 -11.74 -2.56 -15.94
CA THR B 83 -11.98 -2.75 -17.36
C THR B 83 -11.53 -1.54 -18.17
N ASP B 84 -11.78 -0.34 -17.66
CA ASP B 84 -11.38 0.88 -18.36
C ASP B 84 -9.88 1.10 -18.36
N SER B 85 -9.12 0.31 -17.60
CA SER B 85 -7.66 0.40 -17.53
C SER B 85 -7.22 1.76 -16.99
N ARG B 86 -8.06 2.40 -16.18
CA ARG B 86 -7.70 3.59 -15.45
C ARG B 86 -7.71 3.37 -13.95
N LEU B 87 -8.80 2.83 -13.41
CA LEU B 87 -8.86 2.47 -12.01
C LEU B 87 -8.15 1.13 -11.79
N LEU B 88 -7.75 0.91 -10.54
CA LEU B 88 -7.22 -0.38 -10.13
C LEU B 88 -7.49 -0.55 -8.64
N VAL B 89 -7.35 -1.78 -8.16
CA VAL B 89 -7.60 -2.08 -6.76
C VAL B 89 -6.40 -2.87 -6.22
N SER B 90 -6.15 -2.70 -4.92
CA SER B 90 -5.08 -3.43 -4.26
C SER B 90 -5.50 -3.74 -2.83
N ALA B 91 -5.02 -4.86 -2.31
CA ALA B 91 -5.32 -5.29 -0.95
C ALA B 91 -4.03 -5.43 -0.17
N SER B 92 -4.04 -4.98 1.09
CA SER B 92 -2.85 -5.07 1.91
C SER B 92 -3.18 -5.67 3.27
N GLN B 93 -2.15 -6.18 3.93
CA GLN B 93 -2.32 -6.84 5.22
C GLN B 93 -2.75 -5.88 6.33
N ASP B 94 -2.68 -4.57 6.09
CA ASP B 94 -3.12 -3.61 7.10
C ASP B 94 -4.62 -3.41 7.11
N GLY B 95 -5.37 -4.32 6.49
CA GLY B 95 -6.82 -4.21 6.46
C GLY B 95 -7.34 -3.17 5.50
N LYS B 96 -6.55 -2.78 4.50
CA LYS B 96 -6.92 -1.73 3.57
C LYS B 96 -7.06 -2.30 2.17
N LEU B 97 -8.21 -2.05 1.54
CA LEU B 97 -8.43 -2.29 0.12
C LEU B 97 -8.51 -0.92 -0.54
N ILE B 98 -7.47 -0.55 -1.27
CA ILE B 98 -7.35 0.79 -1.84
C ILE B 98 -7.64 0.71 -3.33
N ILE B 99 -8.57 1.55 -3.77
CA ILE B 99 -8.88 1.70 -5.19
C ILE B 99 -8.24 2.99 -5.67
N TRP B 100 -7.29 2.84 -6.58
CA TRP B 100 -6.46 3.92 -7.09
C TRP B 100 -6.92 4.35 -8.47
N ASP B 101 -6.72 5.64 -8.76
CA ASP B 101 -6.81 6.19 -10.11
C ASP B 101 -5.39 6.22 -10.67
N SER B 102 -5.06 5.23 -11.49
CA SER B 102 -3.68 5.07 -11.96
C SER B 102 -3.21 6.24 -12.79
N TYR B 103 -4.13 7.00 -13.39
CA TYR B 103 -3.72 8.13 -14.23
C TYR B 103 -3.05 9.21 -13.41
N THR B 104 -3.69 9.64 -12.33
CA THR B 104 -3.18 10.74 -11.51
C THR B 104 -2.68 10.26 -10.14
N THR B 105 -2.61 8.95 -9.93
CA THR B 105 -2.14 8.38 -8.67
C THR B 105 -2.92 8.94 -7.48
N ASN B 106 -4.23 9.09 -7.65
CA ASN B 106 -5.12 9.54 -6.59
C ASN B 106 -5.90 8.33 -6.06
N LYS B 107 -5.95 8.21 -4.74
CA LYS B 107 -6.69 7.11 -4.11
C LYS B 107 -8.18 7.42 -4.20
N VAL B 108 -8.86 6.76 -5.12
CA VAL B 108 -10.30 6.97 -5.28
C VAL B 108 -11.04 6.49 -4.04
N HIS B 109 -10.68 5.32 -3.53
CA HIS B 109 -11.36 4.76 -2.36
C HIS B 109 -10.36 4.07 -1.45
N ALA B 110 -10.70 4.03 -0.17
CA ALA B 110 -9.93 3.26 0.81
C ALA B 110 -10.93 2.56 1.71
N ILE B 111 -11.03 1.24 1.56
CA ILE B 111 -12.04 0.44 2.26
C ILE B 111 -11.35 -0.28 3.42
N PRO B 112 -11.75 -0.03 4.67
CA PRO B 112 -11.30 -0.90 5.75
C PRO B 112 -11.89 -2.29 5.61
N LEU B 113 -11.13 -3.28 6.05
CA LEU B 113 -11.50 -4.68 5.92
C LEU B 113 -11.77 -5.28 7.29
N ARG B 114 -12.79 -6.14 7.36
CA ARG B 114 -13.10 -6.81 8.61
C ARG B 114 -11.95 -7.69 9.07
N SER B 115 -11.34 -8.42 8.14
CA SER B 115 -10.17 -9.24 8.42
C SER B 115 -8.94 -8.58 7.83
N SER B 116 -7.92 -8.39 8.66
CA SER B 116 -6.69 -7.77 8.18
C SER B 116 -5.91 -8.65 7.22
N TRP B 117 -6.21 -9.95 7.18
CA TRP B 117 -5.47 -10.90 6.36
C TRP B 117 -6.26 -11.11 5.07
N VAL B 118 -5.76 -10.54 3.98
CA VAL B 118 -6.38 -10.67 2.67
C VAL B 118 -5.33 -11.13 1.67
N MET B 119 -5.65 -12.17 0.91
CA MET B 119 -4.74 -12.72 -0.08
C MET B 119 -5.23 -12.56 -1.50
N THR B 120 -6.45 -12.07 -1.71
CA THR B 120 -7.02 -11.94 -3.04
C THR B 120 -7.88 -10.70 -3.12
N CYS B 121 -8.03 -10.18 -4.35
CA CYS B 121 -8.94 -9.08 -4.62
C CYS B 121 -9.35 -9.17 -6.09
N ALA B 122 -10.53 -8.60 -6.39
CA ALA B 122 -11.05 -8.64 -7.74
C ALA B 122 -11.84 -7.37 -8.01
N TYR B 123 -11.92 -7.00 -9.27
CA TYR B 123 -12.65 -5.82 -9.73
C TYR B 123 -13.72 -6.26 -10.70
N ALA B 124 -14.98 -5.90 -10.43
CA ALA B 124 -16.07 -6.31 -11.29
C ALA B 124 -15.92 -5.70 -12.69
N PRO B 125 -16.31 -6.44 -13.73
CA PRO B 125 -16.24 -5.87 -15.08
C PRO B 125 -17.04 -4.61 -15.25
N SER B 126 -18.20 -4.52 -14.60
CA SER B 126 -19.00 -3.31 -14.66
C SER B 126 -18.41 -2.18 -13.83
N GLY B 127 -17.42 -2.46 -12.98
CA GLY B 127 -16.84 -1.45 -12.14
C GLY B 127 -17.68 -1.09 -10.93
N ASN B 128 -18.76 -1.80 -10.68
CA ASN B 128 -19.65 -1.48 -9.57
C ASN B 128 -19.29 -2.19 -8.27
N TYR B 129 -18.62 -3.34 -8.36
CA TYR B 129 -18.30 -4.14 -7.18
C TYR B 129 -16.83 -4.46 -7.15
N VAL B 130 -16.34 -4.74 -5.95
CA VAL B 130 -15.01 -5.31 -5.75
C VAL B 130 -15.13 -6.48 -4.79
N ALA B 131 -14.13 -7.36 -4.82
CA ALA B 131 -14.14 -8.55 -3.99
C ALA B 131 -12.81 -8.68 -3.27
N CYS B 132 -12.85 -9.34 -2.12
CA CYS B 132 -11.63 -9.62 -1.36
C CYS B 132 -11.87 -10.87 -0.52
N GLY B 133 -10.79 -11.48 -0.07
CA GLY B 133 -10.89 -12.65 0.77
C GLY B 133 -9.52 -13.07 1.24
N GLY B 134 -9.51 -14.00 2.19
CA GLY B 134 -8.25 -14.47 2.74
C GLY B 134 -8.41 -15.51 3.83
N LEU B 135 -7.63 -15.35 4.90
CA LEU B 135 -7.60 -16.32 5.98
C LEU B 135 -8.91 -16.39 6.76
N ASP B 136 -9.82 -15.45 6.56
CA ASP B 136 -11.10 -15.49 7.25
C ASP B 136 -12.09 -16.45 6.61
N ASN B 137 -11.75 -17.04 5.47
CA ASN B 137 -12.61 -17.99 4.77
C ASN B 137 -13.95 -17.36 4.37
N ILE B 138 -13.95 -16.06 4.16
CA ILE B 138 -15.15 -15.32 3.74
C ILE B 138 -14.77 -14.47 2.53
N CYS B 139 -15.63 -14.48 1.51
CA CYS B 139 -15.44 -13.63 0.34
C CYS B 139 -16.30 -12.40 0.49
N SER B 140 -15.68 -11.26 0.80
CA SER B 140 -16.40 -10.02 1.01
C SER B 140 -16.50 -9.27 -0.32
N ILE B 141 -17.72 -8.94 -0.72
CA ILE B 141 -17.99 -8.21 -1.95
C ILE B 141 -18.59 -6.87 -1.58
N TYR B 142 -17.91 -5.79 -1.99
CA TYR B 142 -18.27 -4.42 -1.66
C TYR B 142 -18.86 -3.73 -2.87
N ASN B 143 -19.94 -2.98 -2.64
CA ASN B 143 -20.64 -2.24 -3.68
C ASN B 143 -20.06 -0.83 -3.75
N LEU B 144 -19.41 -0.51 -4.86
CA LEU B 144 -18.77 0.81 -4.98
C LEU B 144 -19.81 1.91 -5.19
N LYS B 145 -20.78 1.67 -6.07
CA LYS B 145 -21.76 2.69 -6.43
C LYS B 145 -22.91 2.62 -5.44
N THR B 146 -22.96 3.57 -4.52
CA THR B 146 -23.99 3.61 -3.50
C THR B 146 -24.50 5.03 -3.34
N ARG B 147 -25.76 5.15 -2.89
CA ARG B 147 -26.31 6.48 -2.58
C ARG B 147 -25.61 7.10 -1.38
N GLU B 148 -25.23 6.28 -0.40
CA GLU B 148 -24.61 6.79 0.81
C GLU B 148 -23.24 7.39 0.56
N GLY B 149 -22.61 7.10 -0.58
CA GLY B 149 -21.34 7.68 -0.90
C GLY B 149 -20.13 6.99 -0.31
N ASN B 150 -20.33 5.96 0.51
CA ASN B 150 -19.24 5.20 1.08
C ASN B 150 -19.33 3.76 0.58
N VAL B 151 -18.19 3.08 0.59
CA VAL B 151 -18.11 1.70 0.11
C VAL B 151 -18.56 0.77 1.23
N ARG B 152 -19.75 0.22 1.10
CA ARG B 152 -20.27 -0.76 2.05
C ARG B 152 -20.13 -2.16 1.48
N VAL B 153 -20.31 -3.15 2.35
CA VAL B 153 -20.19 -4.54 1.94
C VAL B 153 -21.51 -5.00 1.36
N SER B 154 -21.50 -5.45 0.11
CA SER B 154 -22.71 -5.90 -0.54
C SER B 154 -23.07 -7.32 -0.15
N ARG B 155 -22.06 -8.20 -0.04
CA ARG B 155 -22.32 -9.60 0.28
C ARG B 155 -21.12 -10.18 1.00
N GLU B 156 -21.38 -11.25 1.76
CA GLU B 156 -20.33 -12.00 2.47
C GLU B 156 -20.53 -13.48 2.13
N LEU B 157 -19.91 -13.92 1.05
CA LEU B 157 -20.01 -15.30 0.63
C LEU B 157 -19.28 -16.20 1.64
N ALA B 158 -20.01 -17.18 2.17
CA ALA B 158 -19.47 -18.11 3.15
C ALA B 158 -19.78 -19.53 2.71
N GLY B 159 -18.92 -20.46 3.13
CA GLY B 159 -19.09 -21.85 2.74
C GLY B 159 -17.78 -22.56 2.51
N HIS B 160 -16.74 -21.81 2.17
CA HIS B 160 -15.41 -22.39 2.04
C HIS B 160 -14.87 -22.76 3.42
N THR B 161 -14.19 -23.91 3.48
CA THR B 161 -13.54 -24.36 4.71
C THR B 161 -12.03 -24.12 4.68
N GLY B 162 -11.58 -23.17 3.86
CA GLY B 162 -10.18 -22.82 3.80
C GLY B 162 -10.03 -21.39 3.36
N TYR B 163 -8.80 -20.89 3.44
CA TYR B 163 -8.51 -19.53 3.02
C TYR B 163 -8.72 -19.37 1.52
N LEU B 164 -9.30 -18.25 1.12
CA LEU B 164 -9.47 -17.95 -0.29
C LEU B 164 -8.19 -17.35 -0.84
N SER B 165 -7.72 -17.90 -1.96
CA SER B 165 -6.46 -17.49 -2.55
C SER B 165 -6.61 -16.72 -3.85
N CYS B 166 -7.76 -16.79 -4.50
CA CYS B 166 -8.01 -16.02 -5.71
C CYS B 166 -9.51 -15.97 -5.95
N CYS B 167 -9.97 -14.87 -6.55
CA CYS B 167 -11.36 -14.72 -6.91
C CYS B 167 -11.45 -13.84 -8.15
N ARG B 168 -12.40 -14.15 -9.03
CA ARG B 168 -12.59 -13.40 -10.25
C ARG B 168 -14.08 -13.22 -10.52
N PHE B 169 -14.44 -12.03 -10.98
CA PHE B 169 -15.83 -11.72 -11.28
C PHE B 169 -16.20 -12.21 -12.68
N LEU B 170 -17.35 -12.86 -12.81
CA LEU B 170 -17.91 -13.17 -14.11
C LEU B 170 -18.91 -12.10 -14.53
N ASP B 171 -19.91 -11.84 -13.69
CA ASP B 171 -20.90 -10.80 -13.90
C ASP B 171 -21.06 -10.05 -12.58
N ASP B 172 -22.07 -9.21 -12.50
CA ASP B 172 -22.36 -8.53 -11.25
C ASP B 172 -22.96 -9.45 -10.20
N ASN B 173 -23.43 -10.64 -10.59
CA ASN B 173 -24.01 -11.59 -9.65
C ASN B 173 -23.52 -13.00 -9.95
N GLN B 174 -22.24 -13.14 -10.29
CA GLN B 174 -21.63 -14.45 -10.50
C GLN B 174 -20.13 -14.29 -10.35
N ILE B 175 -19.55 -14.95 -9.35
CA ILE B 175 -18.12 -14.83 -9.05
C ILE B 175 -17.56 -16.22 -8.78
N VAL B 176 -16.37 -16.47 -9.30
CA VAL B 176 -15.66 -17.74 -9.09
C VAL B 176 -14.58 -17.49 -8.05
N THR B 177 -14.58 -18.28 -6.99
CA THR B 177 -13.61 -18.17 -5.91
C THR B 177 -12.85 -19.49 -5.76
N SER B 178 -11.54 -19.39 -5.56
CA SER B 178 -10.70 -20.54 -5.26
C SER B 178 -10.22 -20.42 -3.83
N SER B 179 -10.36 -21.50 -3.08
CA SER B 179 -10.00 -21.52 -1.67
C SER B 179 -8.88 -22.53 -1.44
N GLY B 180 -8.44 -22.61 -0.19
CA GLY B 180 -7.44 -23.58 0.18
C GLY B 180 -7.98 -24.95 0.53
N ASP B 181 -9.30 -25.14 0.48
CA ASP B 181 -9.92 -26.42 0.80
C ASP B 181 -10.03 -27.33 -0.42
N THR B 182 -9.15 -27.15 -1.40
CA THR B 182 -9.08 -27.98 -2.61
C THR B 182 -10.34 -27.90 -3.45
N THR B 183 -11.17 -26.88 -3.26
CA THR B 183 -12.39 -26.73 -4.05
C THR B 183 -12.54 -25.30 -4.52
N CYS B 184 -12.99 -25.14 -5.76
CA CYS B 184 -13.42 -23.84 -6.26
C CYS B 184 -14.93 -23.75 -6.19
N ALA B 185 -15.46 -22.54 -6.38
CA ALA B 185 -16.90 -22.34 -6.22
C ALA B 185 -17.37 -21.21 -7.10
N LEU B 186 -18.36 -21.50 -7.95
CA LEU B 186 -19.10 -20.49 -8.67
C LEU B 186 -20.32 -20.11 -7.84
N TRP B 187 -20.38 -18.84 -7.44
CA TRP B 187 -21.35 -18.37 -6.46
C TRP B 187 -22.52 -17.66 -7.14
N ASP B 188 -23.41 -17.11 -6.33
CA ASP B 188 -24.52 -16.29 -6.80
C ASP B 188 -24.66 -15.14 -5.81
N ILE B 189 -24.11 -13.98 -6.17
CA ILE B 189 -24.03 -12.86 -5.23
C ILE B 189 -25.42 -12.41 -4.78
N GLU B 190 -26.43 -12.60 -5.64
CA GLU B 190 -27.78 -12.21 -5.27
C GLU B 190 -28.28 -13.02 -4.07
N THR B 191 -28.02 -14.32 -4.06
CA THR B 191 -28.45 -15.19 -2.98
C THR B 191 -27.34 -15.60 -2.02
N GLY B 192 -26.08 -15.45 -2.41
CA GLY B 192 -24.98 -15.75 -1.51
C GLY B 192 -24.69 -17.22 -1.31
N GLN B 193 -25.15 -18.08 -2.20
CA GLN B 193 -24.92 -19.52 -2.09
C GLN B 193 -24.13 -20.02 -3.30
N GLN B 194 -23.36 -21.08 -3.08
CA GLN B 194 -22.56 -21.67 -4.14
C GLN B 194 -23.47 -22.32 -5.17
N THR B 195 -23.57 -21.72 -6.36
CA THR B 195 -24.31 -22.36 -7.44
C THR B 195 -23.63 -23.65 -7.86
N THR B 196 -22.30 -23.67 -7.90
CA THR B 196 -21.58 -24.85 -8.32
C THR B 196 -20.30 -24.98 -7.51
N THR B 197 -19.97 -26.21 -7.13
CA THR B 197 -18.71 -26.49 -6.44
C THR B 197 -17.84 -27.34 -7.34
N PHE B 198 -16.63 -26.85 -7.60
CA PHE B 198 -15.67 -27.52 -8.48
C PHE B 198 -14.68 -28.28 -7.60
N THR B 199 -14.79 -29.61 -7.60
CA THR B 199 -13.96 -30.47 -6.78
C THR B 199 -13.09 -31.35 -7.66
N GLY B 200 -11.98 -31.78 -7.11
CA GLY B 200 -11.05 -32.62 -7.84
C GLY B 200 -9.60 -32.34 -7.52
N HIS B 201 -9.35 -31.21 -6.86
CA HIS B 201 -8.01 -30.89 -6.43
C HIS B 201 -7.65 -31.64 -5.15
N THR B 202 -6.37 -31.95 -4.99
CA THR B 202 -5.86 -32.59 -3.79
C THR B 202 -5.13 -31.64 -2.86
N GLY B 203 -4.88 -30.40 -3.30
CA GLY B 203 -4.19 -29.41 -2.49
C GLY B 203 -4.86 -28.05 -2.64
N ASP B 204 -4.28 -27.07 -1.96
CA ASP B 204 -4.85 -25.73 -1.98
C ASP B 204 -4.81 -25.15 -3.39
N VAL B 205 -5.91 -24.52 -3.79
CA VAL B 205 -6.04 -23.90 -5.10
C VAL B 205 -5.50 -22.48 -4.98
N MET B 206 -4.30 -22.26 -5.50
CA MET B 206 -3.65 -20.97 -5.30
C MET B 206 -4.24 -19.87 -6.17
N SER B 207 -4.53 -20.16 -7.43
CA SER B 207 -4.98 -19.13 -8.35
C SER B 207 -5.99 -19.71 -9.34
N LEU B 208 -6.84 -18.81 -9.85
CA LEU B 208 -7.76 -19.15 -10.92
C LEU B 208 -7.76 -18.04 -11.95
N SER B 209 -7.98 -18.40 -13.21
CA SER B 209 -7.95 -17.44 -14.31
C SER B 209 -9.13 -17.71 -15.23
N LEU B 210 -10.02 -16.73 -15.36
CA LEU B 210 -11.14 -16.87 -16.28
C LEU B 210 -10.68 -16.73 -17.72
N ALA B 211 -11.40 -17.39 -18.61
CA ALA B 211 -11.13 -17.28 -20.03
C ALA B 211 -11.88 -16.10 -20.61
N PRO B 212 -11.40 -15.54 -21.73
CA PRO B 212 -12.09 -14.37 -22.30
C PRO B 212 -13.55 -14.62 -22.65
N ASP B 213 -13.89 -15.83 -23.11
CA ASP B 213 -15.27 -16.14 -23.44
C ASP B 213 -16.14 -16.37 -22.21
N THR B 214 -15.54 -16.44 -21.02
CA THR B 214 -16.25 -16.55 -19.74
C THR B 214 -17.11 -17.82 -19.64
N ARG B 215 -16.83 -18.83 -20.48
CA ARG B 215 -17.51 -20.10 -20.36
C ARG B 215 -16.66 -21.16 -19.68
N LEU B 216 -15.35 -20.95 -19.62
CA LEU B 216 -14.43 -21.88 -18.96
C LEU B 216 -13.42 -21.07 -18.15
N PHE B 217 -12.78 -21.74 -17.20
CA PHE B 217 -11.68 -21.12 -16.47
C PHE B 217 -10.67 -22.20 -16.10
N VAL B 218 -9.60 -21.79 -15.43
CA VAL B 218 -8.55 -22.71 -15.02
C VAL B 218 -8.27 -22.48 -13.54
N SER B 219 -7.65 -23.47 -12.92
CA SER B 219 -7.29 -23.38 -11.51
C SER B 219 -6.01 -24.16 -11.28
N GLY B 220 -4.99 -23.50 -10.73
CA GLY B 220 -3.75 -24.16 -10.38
C GLY B 220 -3.71 -24.46 -8.89
N ALA B 221 -3.26 -25.67 -8.55
CA ALA B 221 -3.28 -26.12 -7.17
C ALA B 221 -1.88 -26.46 -6.71
N CYS B 222 -1.76 -26.74 -5.41
CA CYS B 222 -0.47 -27.06 -4.81
C CYS B 222 0.06 -28.42 -5.24
N ASP B 223 -0.76 -29.25 -5.88
CA ASP B 223 -0.32 -30.55 -6.36
C ASP B 223 0.29 -30.48 -7.76
N ALA B 224 0.79 -29.31 -8.15
CA ALA B 224 1.40 -29.11 -9.46
C ALA B 224 0.45 -29.48 -10.59
N SER B 225 -0.83 -29.17 -10.41
CA SER B 225 -1.86 -29.54 -11.36
C SER B 225 -2.70 -28.31 -11.70
N ALA B 226 -2.93 -28.10 -13.00
CA ALA B 226 -3.80 -27.05 -13.48
C ALA B 226 -5.01 -27.70 -14.12
N LYS B 227 -6.19 -27.43 -13.57
CA LYS B 227 -7.42 -28.06 -14.02
C LYS B 227 -8.28 -27.04 -14.75
N LEU B 228 -8.77 -27.42 -15.92
CA LEU B 228 -9.72 -26.63 -16.68
C LEU B 228 -11.13 -26.99 -16.26
N TRP B 229 -11.96 -25.97 -16.04
CA TRP B 229 -13.30 -26.16 -15.53
C TRP B 229 -14.30 -25.47 -16.44
N ASP B 230 -15.41 -26.16 -16.72
CA ASP B 230 -16.51 -25.60 -17.49
C ASP B 230 -17.52 -24.99 -16.51
N VAL B 231 -17.73 -23.68 -16.62
CA VAL B 231 -18.61 -23.00 -15.69
C VAL B 231 -20.04 -23.50 -15.82
N ARG B 232 -20.52 -23.65 -17.06
CA ARG B 232 -21.90 -24.08 -17.28
C ARG B 232 -22.10 -25.53 -16.83
N GLU B 233 -21.21 -26.43 -17.25
CA GLU B 233 -21.37 -27.84 -16.90
C GLU B 233 -21.02 -28.10 -15.45
N GLY B 234 -20.14 -27.30 -14.87
CA GLY B 234 -19.72 -27.50 -13.49
C GLY B 234 -18.93 -28.76 -13.26
N MET B 235 -18.09 -29.15 -14.21
CA MET B 235 -17.27 -30.35 -14.10
C MET B 235 -15.93 -30.11 -14.78
N CYS B 236 -14.87 -30.65 -14.19
CA CYS B 236 -13.54 -30.53 -14.76
C CYS B 236 -13.50 -31.23 -16.11
N ARG B 237 -12.74 -30.67 -17.05
CA ARG B 237 -12.61 -31.22 -18.39
C ARG B 237 -11.21 -31.70 -18.72
N GLN B 238 -10.18 -30.92 -18.38
CA GLN B 238 -8.81 -31.31 -18.68
C GLN B 238 -7.93 -31.05 -17.46
N THR B 239 -6.85 -31.82 -17.36
CA THR B 239 -5.88 -31.68 -16.28
C THR B 239 -4.49 -31.65 -16.87
N PHE B 240 -3.69 -30.67 -16.44
CA PHE B 240 -2.34 -30.46 -16.96
C PHE B 240 -1.35 -30.58 -15.82
N THR B 241 -0.29 -31.36 -16.05
CA THR B 241 0.79 -31.54 -15.09
C THR B 241 2.11 -31.24 -15.78
N GLY B 242 3.18 -31.23 -15.00
CA GLY B 242 4.50 -30.96 -15.53
C GLY B 242 5.31 -30.03 -14.67
N HIS B 243 4.73 -29.60 -13.54
CA HIS B 243 5.40 -28.74 -12.60
C HIS B 243 5.93 -29.55 -11.43
N GLU B 244 7.04 -29.08 -10.86
CA GLU B 244 7.73 -29.79 -9.80
C GLU B 244 7.34 -29.34 -8.40
N SER B 245 6.48 -28.33 -8.28
CA SER B 245 6.11 -27.80 -6.98
C SER B 245 4.75 -27.11 -7.11
N ASP B 246 4.39 -26.33 -6.09
CA ASP B 246 3.10 -25.67 -6.07
C ASP B 246 2.97 -24.68 -7.21
N ILE B 247 1.76 -24.56 -7.75
CA ILE B 247 1.46 -23.57 -8.78
C ILE B 247 0.87 -22.34 -8.09
N ASN B 248 1.59 -21.22 -8.17
CA ASN B 248 1.18 -20.01 -7.46
C ASN B 248 0.31 -19.10 -8.32
N ALA B 249 0.62 -18.98 -9.61
CA ALA B 249 -0.12 -18.06 -10.47
C ALA B 249 -0.45 -18.74 -11.79
N ILE B 250 -1.59 -18.36 -12.35
CA ILE B 250 -2.06 -18.89 -13.63
C ILE B 250 -2.80 -17.78 -14.35
N CYS B 251 -2.66 -17.75 -15.67
CA CYS B 251 -3.30 -16.71 -16.48
C CYS B 251 -3.65 -17.26 -17.85
N PHE B 252 -4.88 -16.98 -18.29
CA PHE B 252 -5.33 -17.40 -19.61
C PHE B 252 -4.66 -16.56 -20.70
N PHE B 253 -4.40 -17.22 -21.82
CA PHE B 253 -3.90 -16.50 -22.99
C PHE B 253 -5.02 -15.63 -23.56
N PRO B 254 -4.69 -14.48 -24.16
CA PRO B 254 -5.74 -13.63 -24.73
C PRO B 254 -6.61 -14.34 -25.75
N ASN B 255 -6.05 -15.28 -26.51
CA ASN B 255 -6.82 -16.01 -27.51
C ASN B 255 -7.90 -16.87 -26.87
N GLY B 256 -7.64 -17.38 -25.66
CA GLY B 256 -8.58 -18.25 -24.98
C GLY B 256 -8.29 -19.73 -25.16
N ASN B 257 -7.34 -20.09 -26.02
CA ASN B 257 -7.00 -21.48 -26.28
C ASN B 257 -5.64 -21.86 -25.70
N ALA B 258 -5.20 -21.13 -24.68
CA ALA B 258 -3.93 -21.42 -24.02
C ALA B 258 -3.91 -20.70 -22.69
N PHE B 259 -2.97 -21.11 -21.84
CA PHE B 259 -2.75 -20.42 -20.57
C PHE B 259 -1.33 -20.70 -20.10
N ALA B 260 -0.89 -19.93 -19.12
CA ALA B 260 0.45 -20.06 -18.58
C ALA B 260 0.40 -20.09 -17.07
N THR B 261 1.24 -20.93 -16.47
CA THR B 261 1.30 -21.10 -15.03
C THR B 261 2.70 -20.79 -14.52
N GLY B 262 2.74 -20.22 -13.33
CA GLY B 262 4.00 -20.00 -12.63
C GLY B 262 4.01 -20.82 -11.36
N SER B 263 5.15 -21.42 -11.06
CA SER B 263 5.24 -22.39 -9.98
C SER B 263 6.48 -22.10 -9.14
N ASP B 264 6.50 -22.71 -7.96
CA ASP B 264 7.59 -22.51 -7.01
C ASP B 264 8.90 -23.10 -7.49
N ASP B 265 8.90 -23.91 -8.54
CA ASP B 265 10.11 -24.51 -9.07
C ASP B 265 10.87 -23.57 -10.00
N ALA B 266 10.61 -22.27 -9.93
CA ALA B 266 11.32 -21.26 -10.72
C ALA B 266 11.17 -21.48 -12.22
N THR B 267 10.01 -22.01 -12.64
CA THR B 267 9.73 -22.21 -14.05
C THR B 267 8.31 -21.73 -14.35
N CYS B 268 8.12 -21.26 -15.58
CA CYS B 268 6.80 -20.94 -16.10
C CYS B 268 6.47 -21.92 -17.22
N ARG B 269 5.22 -22.36 -17.29
CA ARG B 269 4.81 -23.36 -18.26
C ARG B 269 3.66 -22.83 -19.10
N LEU B 270 3.67 -23.18 -20.38
CA LEU B 270 2.61 -22.79 -21.30
C LEU B 270 1.86 -24.05 -21.72
N PHE B 271 0.55 -24.07 -21.47
CA PHE B 271 -0.30 -25.19 -21.82
C PHE B 271 -1.34 -24.74 -22.83
N ASP B 272 -1.71 -25.65 -23.71
CA ASP B 272 -2.72 -25.41 -24.74
C ASP B 272 -3.94 -26.26 -24.44
N LEU B 273 -5.12 -25.63 -24.46
CA LEU B 273 -6.35 -26.38 -24.18
C LEU B 273 -6.60 -27.44 -25.24
N ARG B 274 -6.42 -27.09 -26.52
CA ARG B 274 -6.68 -28.05 -27.59
C ARG B 274 -5.58 -29.10 -27.65
N ALA B 275 -4.32 -28.70 -27.54
CA ALA B 275 -3.22 -29.64 -27.58
C ALA B 275 -3.08 -30.45 -26.30
N ASP B 276 -3.56 -29.92 -25.17
CA ASP B 276 -3.58 -30.62 -23.89
C ASP B 276 -2.19 -31.11 -23.49
N GLN B 277 -1.21 -30.22 -23.58
CA GLN B 277 0.15 -30.56 -23.17
C GLN B 277 0.93 -29.28 -22.90
N GLU B 278 2.13 -29.46 -22.35
CA GLU B 278 3.02 -28.34 -22.04
C GLU B 278 3.83 -28.00 -23.28
N LEU B 279 3.67 -26.77 -23.78
CA LEU B 279 4.33 -26.35 -25.00
C LEU B 279 5.71 -25.75 -24.75
N MET B 280 5.79 -24.74 -23.90
CA MET B 280 7.02 -23.99 -23.69
C MET B 280 7.28 -23.84 -22.20
N THR B 281 8.56 -23.93 -21.82
CA THR B 281 8.98 -23.75 -20.44
C THR B 281 9.93 -22.55 -20.38
N TYR B 282 9.49 -21.50 -19.70
CA TYR B 282 10.28 -20.29 -19.51
C TYR B 282 11.01 -20.41 -18.18
N SER B 283 12.30 -20.66 -18.23
CA SER B 283 13.12 -20.78 -17.04
C SER B 283 14.57 -20.53 -17.41
N HIS B 284 15.36 -20.15 -16.42
CA HIS B 284 16.77 -19.88 -16.60
C HIS B 284 17.56 -20.53 -15.47
N ASP B 285 18.76 -21.02 -15.79
CA ASP B 285 19.58 -21.65 -14.78
C ASP B 285 19.94 -20.68 -13.65
N ASN B 286 20.05 -19.38 -13.98
CA ASN B 286 20.39 -18.39 -12.97
C ASN B 286 19.30 -18.26 -11.92
N ILE B 287 18.04 -18.26 -12.35
CA ILE B 287 16.94 -18.01 -11.43
C ILE B 287 16.65 -19.28 -10.64
N ILE B 288 16.44 -19.11 -9.32
CA ILE B 288 16.19 -20.24 -8.44
C ILE B 288 15.01 -19.93 -7.53
N CYS B 289 14.29 -18.87 -7.82
CA CYS B 289 13.21 -18.39 -6.96
C CYS B 289 11.86 -18.64 -7.61
N GLY B 290 10.86 -18.89 -6.78
CA GLY B 290 9.54 -19.22 -7.29
C GLY B 290 8.81 -18.03 -7.86
N ILE B 291 7.87 -18.33 -8.76
CA ILE B 291 7.05 -17.32 -9.40
C ILE B 291 5.79 -17.10 -8.56
N THR B 292 5.47 -15.84 -8.29
CA THR B 292 4.30 -15.49 -7.50
C THR B 292 3.15 -14.92 -8.31
N SER B 293 3.42 -14.31 -9.46
CA SER B 293 2.38 -13.72 -10.28
C SER B 293 2.74 -13.85 -11.75
N VAL B 294 1.74 -14.12 -12.59
CA VAL B 294 1.92 -14.25 -14.03
C VAL B 294 0.73 -13.57 -14.72
N SER B 295 1.03 -12.83 -15.79
CA SER B 295 -0.02 -12.19 -16.59
C SER B 295 0.47 -12.05 -18.01
N PHE B 296 -0.48 -11.87 -18.92
CA PHE B 296 -0.21 -11.79 -20.36
C PHE B 296 -0.44 -10.39 -20.88
N SER B 297 0.29 -10.04 -21.94
CA SER B 297 0.06 -8.80 -22.65
C SER B 297 -1.21 -8.91 -23.49
N LYS B 298 -1.59 -7.82 -24.15
CA LYS B 298 -2.81 -7.85 -24.96
C LYS B 298 -2.61 -8.71 -26.21
N SER B 299 -1.43 -8.63 -26.83
CA SER B 299 -1.13 -9.44 -28.00
C SER B 299 -0.66 -10.84 -27.63
N GLY B 300 -0.26 -11.06 -26.38
CA GLY B 300 0.24 -12.35 -25.96
C GLY B 300 1.69 -12.61 -26.25
N ARG B 301 2.40 -11.67 -26.90
CA ARG B 301 3.81 -11.88 -27.21
C ARG B 301 4.69 -11.79 -25.98
N LEU B 302 4.22 -11.13 -24.91
CA LEU B 302 4.99 -10.94 -23.70
C LEU B 302 4.31 -11.65 -22.54
N LEU B 303 5.07 -12.44 -21.80
CA LEU B 303 4.61 -13.05 -20.55
C LEU B 303 5.34 -12.38 -19.41
N LEU B 304 4.59 -11.82 -18.47
CA LEU B 304 5.16 -11.05 -17.36
C LEU B 304 5.21 -11.95 -16.14
N ALA B 305 6.39 -12.50 -15.86
CA ALA B 305 6.56 -13.43 -14.75
C ALA B 305 7.05 -12.64 -13.54
N GLY B 306 6.20 -12.51 -12.54
CA GLY B 306 6.59 -11.85 -11.31
C GLY B 306 7.23 -12.85 -10.36
N TYR B 307 8.44 -12.56 -9.91
CA TYR B 307 9.17 -13.43 -9.01
C TYR B 307 9.19 -12.84 -7.61
N ASP B 308 9.65 -13.64 -6.65
CA ASP B 308 9.81 -13.19 -5.28
C ASP B 308 11.24 -12.79 -4.95
N ASP B 309 12.10 -12.69 -5.97
CA ASP B 309 13.45 -12.16 -5.78
C ASP B 309 13.51 -10.66 -6.02
N PHE B 310 12.41 -9.95 -5.80
CA PHE B 310 12.25 -8.50 -5.80
C PHE B 310 12.13 -7.91 -7.20
N ASN B 311 12.12 -8.70 -8.27
CA ASN B 311 12.03 -8.17 -9.62
C ASN B 311 11.19 -9.09 -10.48
N CYS B 312 10.64 -8.52 -11.55
CA CYS B 312 9.86 -9.26 -12.54
C CYS B 312 10.67 -9.45 -13.81
N ASN B 313 10.24 -10.41 -14.62
CA ASN B 313 10.89 -10.70 -15.90
C ASN B 313 9.87 -10.70 -17.02
N VAL B 314 10.35 -10.40 -18.23
CA VAL B 314 9.53 -10.37 -19.43
C VAL B 314 10.02 -11.49 -20.34
N TRP B 315 9.14 -12.40 -20.71
CA TRP B 315 9.48 -13.56 -21.51
C TRP B 315 8.81 -13.46 -22.87
N ASP B 316 9.58 -13.75 -23.92
CA ASP B 316 9.02 -13.90 -25.25
C ASP B 316 8.22 -15.19 -25.31
N ALA B 317 6.89 -15.07 -25.43
CA ALA B 317 6.03 -16.24 -25.34
C ALA B 317 6.27 -17.22 -26.49
N LEU B 318 6.92 -16.80 -27.56
CA LEU B 318 7.17 -17.66 -28.70
C LEU B 318 8.62 -18.09 -28.83
N LYS B 319 9.55 -17.43 -28.14
CA LYS B 319 10.96 -17.82 -28.17
C LYS B 319 11.44 -18.39 -26.86
N ALA B 320 10.66 -18.29 -25.79
CA ALA B 320 11.03 -18.80 -24.46
C ALA B 320 12.35 -18.18 -23.99
N ASP B 321 12.56 -16.91 -24.30
CA ASP B 321 13.76 -16.19 -23.92
C ASP B 321 13.39 -14.93 -23.16
N ARG B 322 14.26 -14.55 -22.22
CA ARG B 322 14.02 -13.36 -21.44
C ARG B 322 14.15 -12.11 -22.30
N ALA B 323 13.17 -11.22 -22.21
CA ALA B 323 13.18 -9.99 -22.98
C ALA B 323 13.69 -8.79 -22.19
N GLY B 324 13.36 -8.72 -20.91
CA GLY B 324 13.81 -7.61 -20.08
C GLY B 324 13.48 -7.88 -18.63
N VAL B 325 13.98 -7.01 -17.77
CA VAL B 325 13.76 -7.13 -16.33
C VAL B 325 13.06 -5.87 -15.83
N LEU B 326 12.29 -6.04 -14.77
CA LEU B 326 11.59 -4.93 -14.12
C LEU B 326 12.00 -4.97 -12.65
N ALA B 327 13.00 -4.17 -12.31
CA ALA B 327 13.51 -4.06 -10.95
C ALA B 327 13.11 -2.72 -10.35
N GLY B 328 13.08 -2.68 -9.02
CA GLY B 328 12.68 -1.47 -8.34
C GLY B 328 11.87 -1.75 -7.09
N HIS B 329 11.58 -3.01 -6.83
CA HIS B 329 10.88 -3.42 -5.62
C HIS B 329 11.90 -3.86 -4.58
N ASP B 330 11.72 -3.39 -3.35
CA ASP B 330 12.60 -3.74 -2.25
C ASP B 330 12.19 -5.01 -1.53
N ASN B 331 11.09 -5.64 -1.93
CA ASN B 331 10.61 -6.83 -1.27
C ASN B 331 9.97 -7.74 -2.31
N ARG B 332 9.32 -8.80 -1.84
CA ARG B 332 8.76 -9.82 -2.71
C ARG B 332 7.59 -9.26 -3.52
N VAL B 333 7.58 -9.58 -4.81
CA VAL B 333 6.48 -9.18 -5.69
C VAL B 333 5.34 -10.16 -5.52
N SER B 334 4.15 -9.65 -5.18
CA SER B 334 3.02 -10.50 -4.86
C SER B 334 2.00 -10.59 -5.99
N CYS B 335 1.67 -9.47 -6.61
CA CYS B 335 0.62 -9.41 -7.62
C CYS B 335 1.12 -8.67 -8.85
N LEU B 336 0.62 -9.07 -10.02
CA LEU B 336 1.02 -8.47 -11.29
C LEU B 336 -0.18 -8.52 -12.22
N GLY B 337 -0.50 -7.38 -12.82
CA GLY B 337 -1.64 -7.29 -13.72
C GLY B 337 -1.32 -6.43 -14.92
N VAL B 338 -2.02 -6.71 -16.02
CA VAL B 338 -1.87 -5.97 -17.27
C VAL B 338 -3.20 -5.31 -17.59
N THR B 339 -3.14 -4.04 -17.99
CA THR B 339 -4.35 -3.32 -18.35
C THR B 339 -5.06 -4.00 -19.50
N ASP B 340 -6.39 -3.90 -19.50
CA ASP B 340 -7.19 -4.58 -20.52
C ASP B 340 -6.85 -4.07 -21.91
N ASP B 341 -6.60 -2.77 -22.04
CA ASP B 341 -6.18 -2.20 -23.32
C ASP B 341 -4.70 -2.37 -23.59
N GLY B 342 -3.96 -2.94 -22.64
CA GLY B 342 -2.54 -3.14 -22.82
C GLY B 342 -1.68 -1.91 -22.62
N MET B 343 -2.24 -0.84 -22.04
CA MET B 343 -1.49 0.41 -21.91
C MET B 343 -0.31 0.24 -20.95
N ALA B 344 -0.54 -0.30 -19.76
CA ALA B 344 0.49 -0.35 -18.74
C ALA B 344 0.34 -1.62 -17.92
N VAL B 345 1.28 -1.81 -17.01
CA VAL B 345 1.37 -3.01 -16.17
C VAL B 345 1.52 -2.57 -14.72
N ALA B 346 0.68 -3.09 -13.84
CA ALA B 346 0.82 -2.83 -12.42
C ALA B 346 1.53 -4.02 -11.76
N THR B 347 2.51 -3.72 -10.92
CA THR B 347 3.26 -4.73 -10.19
C THR B 347 3.30 -4.32 -8.72
N GLY B 348 2.57 -5.06 -7.88
CA GLY B 348 2.64 -4.83 -6.45
C GLY B 348 3.75 -5.63 -5.81
N SER B 349 3.97 -5.37 -4.52
CA SER B 349 5.03 -6.06 -3.81
C SER B 349 4.77 -5.98 -2.32
N TRP B 350 5.60 -6.70 -1.55
CA TRP B 350 5.48 -6.72 -0.11
C TRP B 350 6.00 -5.46 0.55
N ASP B 351 6.70 -4.59 -0.18
CA ASP B 351 7.21 -3.35 0.37
C ASP B 351 6.20 -2.21 0.32
N SER B 352 4.91 -2.54 0.22
CA SER B 352 3.80 -1.60 0.26
C SER B 352 3.80 -0.61 -0.90
N PHE B 353 4.61 -0.84 -1.93
CA PHE B 353 4.68 0.03 -3.09
C PHE B 353 4.36 -0.78 -4.34
N LEU B 354 3.31 -0.40 -5.05
CA LEU B 354 2.97 -0.99 -6.33
C LEU B 354 3.28 0.02 -7.43
N LYS B 355 4.01 -0.43 -8.44
CA LYS B 355 4.49 0.45 -9.50
C LYS B 355 3.77 0.15 -10.80
N ILE B 356 3.82 1.14 -11.70
CA ILE B 356 3.19 1.05 -13.02
C ILE B 356 4.27 1.19 -14.07
N TRP B 357 4.25 0.29 -15.05
CA TRP B 357 5.30 0.16 -16.04
C TRP B 357 4.72 0.29 -17.43
N ASN B 358 5.49 0.88 -18.34
CA ASN B 358 5.05 1.10 -19.71
C ASN B 358 6.24 1.19 -20.64
N ILE C 9 -14.56 -46.02 -1.08
CA ILE C 9 -14.73 -46.89 -2.23
C ILE C 9 -15.29 -46.08 -3.40
N ALA C 10 -16.25 -45.20 -3.12
CA ALA C 10 -16.84 -44.39 -4.18
C ALA C 10 -15.86 -43.35 -4.72
N GLN C 11 -14.85 -42.96 -3.94
CA GLN C 11 -13.87 -42.00 -4.42
C GLN C 11 -13.10 -42.55 -5.61
N ALA C 12 -12.69 -43.82 -5.55
CA ALA C 12 -12.00 -44.43 -6.68
C ALA C 12 -12.89 -44.51 -7.91
N ARG C 13 -14.17 -44.84 -7.72
CA ARG C 13 -15.10 -44.89 -8.84
C ARG C 13 -15.26 -43.51 -9.48
N LYS C 14 -15.39 -42.47 -8.66
CA LYS C 14 -15.49 -41.12 -9.20
C LYS C 14 -14.22 -40.73 -9.95
N LEU C 15 -13.06 -41.09 -9.40
CA LEU C 15 -11.79 -40.76 -10.04
C LEU C 15 -11.66 -41.45 -11.39
N VAL C 16 -11.99 -42.74 -11.46
CA VAL C 16 -11.87 -43.45 -12.72
C VAL C 16 -12.91 -42.96 -13.73
N GLU C 17 -14.11 -42.59 -13.27
CA GLU C 17 -15.08 -42.01 -14.18
C GLU C 17 -14.58 -40.69 -14.74
N GLN C 18 -13.98 -39.85 -13.90
CA GLN C 18 -13.42 -38.58 -14.38
C GLN C 18 -12.30 -38.83 -15.37
N LEU C 19 -11.42 -39.79 -15.09
CA LEU C 19 -10.33 -40.09 -16.01
C LEU C 19 -10.86 -40.61 -17.35
N LYS C 20 -11.88 -41.45 -17.32
CA LYS C 20 -12.47 -41.94 -18.56
C LYS C 20 -13.11 -40.81 -19.35
N MET C 21 -13.81 -39.90 -18.67
CA MET C 21 -14.42 -38.76 -19.36
C MET C 21 -13.36 -37.87 -19.98
N GLU C 22 -12.28 -37.61 -19.25
CA GLU C 22 -11.22 -36.74 -19.75
C GLU C 22 -10.44 -37.41 -20.88
N ALA C 23 -10.37 -38.74 -20.88
CA ALA C 23 -9.58 -39.45 -21.88
C ALA C 23 -10.17 -39.35 -23.28
N ASN C 24 -11.45 -39.04 -23.40
CA ASN C 24 -12.11 -38.97 -24.71
C ASN C 24 -12.02 -37.59 -25.33
N ILE C 25 -11.34 -36.64 -24.70
CA ILE C 25 -11.21 -35.30 -25.26
C ILE C 25 -10.30 -35.37 -26.49
N ASP C 26 -10.78 -34.81 -27.60
CA ASP C 26 -10.00 -34.79 -28.83
C ASP C 26 -8.82 -33.82 -28.68
N ARG C 27 -7.63 -34.28 -29.04
CA ARG C 27 -6.43 -33.47 -28.98
C ARG C 27 -5.92 -33.21 -30.40
N ILE C 28 -5.78 -31.94 -30.75
CA ILE C 28 -5.26 -31.56 -32.06
C ILE C 28 -3.75 -31.66 -32.03
N LYS C 29 -3.13 -31.56 -33.20
CA LYS C 29 -1.68 -31.59 -33.29
C LYS C 29 -1.08 -30.36 -32.62
N VAL C 30 0.12 -30.55 -32.05
CA VAL C 30 0.82 -29.44 -31.42
C VAL C 30 1.22 -28.38 -32.44
N SER C 31 1.54 -28.81 -33.67
CA SER C 31 1.95 -27.86 -34.69
C SER C 31 0.82 -26.88 -35.02
N LYS C 32 -0.40 -27.38 -35.17
CA LYS C 32 -1.54 -26.51 -35.45
C LYS C 32 -1.79 -25.54 -34.30
N ALA C 33 -1.71 -26.04 -33.06
CA ALA C 33 -1.92 -25.18 -31.90
C ALA C 33 -0.89 -24.06 -31.85
N ALA C 34 0.39 -24.41 -32.03
CA ALA C 34 1.44 -23.41 -32.03
C ALA C 34 1.27 -22.42 -33.18
N ALA C 35 0.85 -22.92 -34.35
CA ALA C 35 0.65 -22.05 -35.50
C ALA C 35 -0.45 -21.03 -35.23
N ASP C 36 -1.58 -21.48 -34.67
CA ASP C 36 -2.66 -20.53 -34.40
C ASP C 36 -2.30 -19.57 -33.27
N LEU C 37 -1.54 -20.04 -32.28
CA LEU C 37 -1.06 -19.14 -31.23
C LEU C 37 -0.17 -18.05 -31.81
N MET C 38 0.78 -18.44 -32.68
CA MET C 38 1.67 -17.46 -33.31
C MET C 38 0.89 -16.52 -34.22
N ALA C 39 -0.12 -17.05 -34.92
CA ALA C 39 -0.95 -16.20 -35.76
C ALA C 39 -1.70 -15.16 -34.94
N TYR C 40 -2.25 -15.56 -33.80
CA TYR C 40 -2.93 -14.58 -32.94
C TYR C 40 -1.93 -13.56 -32.41
N CYS C 41 -0.72 -14.01 -32.05
CA CYS C 41 0.29 -13.08 -31.54
C CYS C 41 0.67 -12.05 -32.59
N GLU C 42 0.88 -12.48 -33.83
CA GLU C 42 1.32 -11.57 -34.88
C GLU C 42 0.20 -10.70 -35.41
N ALA C 43 -1.04 -11.20 -35.40
CA ALA C 43 -2.16 -10.40 -35.90
C ALA C 43 -2.46 -9.20 -35.03
N HIS C 44 -2.03 -9.22 -33.77
CA HIS C 44 -2.25 -8.10 -32.85
C HIS C 44 -0.96 -7.41 -32.46
N ALA C 45 0.09 -7.56 -33.27
CA ALA C 45 1.37 -6.90 -32.98
C ALA C 45 1.25 -5.38 -33.03
N LYS C 46 0.28 -4.86 -33.78
CA LYS C 46 0.08 -3.42 -33.87
C LYS C 46 -0.81 -2.88 -32.76
N GLU C 47 -1.41 -3.75 -31.94
CA GLU C 47 -2.28 -3.33 -30.84
C GLU C 47 -1.67 -3.59 -29.48
N ASP C 48 -0.34 -3.77 -29.41
CA ASP C 48 0.33 -4.05 -28.15
C ASP C 48 1.23 -2.88 -27.77
N PRO C 49 0.77 -1.98 -26.90
CA PRO C 49 1.62 -0.85 -26.50
C PRO C 49 2.91 -1.27 -25.81
N LEU C 50 2.94 -2.45 -25.17
CA LEU C 50 4.15 -2.88 -24.49
C LEU C 50 5.22 -3.33 -25.47
N LEU C 51 4.83 -4.10 -26.49
CA LEU C 51 5.82 -4.63 -27.42
C LEU C 51 6.45 -3.53 -28.25
N THR C 52 5.64 -2.66 -28.85
CA THR C 52 6.15 -1.56 -29.65
C THR C 52 6.23 -0.30 -28.80
N PRO C 53 7.36 0.40 -28.78
CA PRO C 53 7.50 1.60 -27.95
C PRO C 53 6.37 2.60 -28.16
N VAL C 54 5.59 2.83 -27.11
CA VAL C 54 4.42 3.71 -27.21
C VAL C 54 4.89 5.15 -27.40
N PRO C 55 4.27 5.92 -28.31
CA PRO C 55 4.61 7.34 -28.42
C PRO C 55 4.27 8.09 -27.14
N ALA C 56 5.06 9.13 -26.86
CA ALA C 56 4.88 9.89 -25.63
C ALA C 56 3.51 10.58 -25.60
N SER C 57 3.09 11.13 -26.74
CA SER C 57 1.79 11.80 -26.79
C SER C 57 0.65 10.81 -26.57
N GLU C 58 0.75 9.62 -27.16
CA GLU C 58 -0.32 8.63 -27.03
C GLU C 58 -0.34 7.97 -25.66
N ASN C 59 0.78 7.97 -24.94
CA ASN C 59 0.86 7.33 -23.63
C ASN C 59 0.05 8.11 -22.62
N PRO C 60 -0.95 7.50 -21.97
CA PRO C 60 -1.68 8.22 -20.91
C PRO C 60 -0.83 8.49 -19.69
N PHE C 61 0.18 7.68 -19.41
CA PHE C 61 1.02 7.84 -18.24
C PHE C 61 2.27 8.67 -18.54
N ARG C 62 2.06 9.84 -19.15
CA ARG C 62 3.14 10.76 -19.50
C ARG C 62 4.31 10.08 -20.22
N ASP D 1 -33.72 7.68 1.33
CA ASP D 1 -32.43 7.44 1.95
C ASP D 1 -31.67 8.75 2.14
N VAL D 2 -30.98 9.18 1.09
CA VAL D 2 -30.25 10.44 1.14
C VAL D 2 -31.24 11.59 1.29
N GLN D 3 -31.01 12.46 2.27
CA GLN D 3 -31.95 13.53 2.56
C GLN D 3 -31.22 14.72 3.17
N LEU D 4 -31.33 15.88 2.53
CA LEU D 4 -30.77 17.13 3.05
C LEU D 4 -31.92 18.07 3.35
N VAL D 5 -32.01 18.49 4.62
CA VAL D 5 -33.04 19.43 5.05
C VAL D 5 -32.37 20.78 5.27
N GLU D 6 -33.16 21.85 5.11
CA GLU D 6 -32.63 23.19 5.26
C GLU D 6 -33.48 23.98 6.24
N SER D 7 -32.82 24.82 7.03
CA SER D 7 -33.47 25.66 8.02
C SER D 7 -32.91 27.07 7.93
N GLY D 8 -33.76 28.04 8.25
CA GLY D 8 -33.41 29.45 8.12
C GLY D 8 -34.38 30.17 7.22
N GLY D 9 -33.86 30.99 6.30
CA GLY D 9 -34.73 31.69 5.38
C GLY D 9 -35.54 32.77 6.06
N GLY D 10 -36.75 32.99 5.53
CA GLY D 10 -37.60 34.03 6.05
C GLY D 10 -37.19 35.41 5.55
N LEU D 11 -37.69 36.42 6.23
CA LEU D 11 -37.44 37.81 5.88
C LEU D 11 -36.29 38.36 6.69
N VAL D 12 -35.39 39.08 6.01
CA VAL D 12 -34.24 39.73 6.65
C VAL D 12 -34.19 41.17 6.14
N GLN D 13 -34.11 42.11 7.07
CA GLN D 13 -33.95 43.51 6.68
C GLN D 13 -32.58 43.70 6.05
N PRO D 14 -32.46 44.66 5.12
CA PRO D 14 -31.19 44.82 4.40
C PRO D 14 -30.02 45.11 5.35
N GLY D 15 -28.88 44.50 5.05
CA GLY D 15 -27.71 44.67 5.89
C GLY D 15 -27.70 43.82 7.14
N GLY D 16 -28.65 42.91 7.30
CA GLY D 16 -28.72 42.08 8.48
C GLY D 16 -27.80 40.88 8.39
N SER D 17 -28.03 39.92 9.29
CA SER D 17 -27.26 38.69 9.35
C SER D 17 -28.20 37.50 9.47
N ARG D 18 -27.81 36.39 8.87
CA ARG D 18 -28.64 35.19 8.86
C ARG D 18 -27.75 33.95 8.76
N LYS D 19 -28.13 32.90 9.49
CA LYS D 19 -27.40 31.65 9.50
C LYS D 19 -28.29 30.56 8.92
N LEU D 20 -27.91 30.04 7.75
CA LEU D 20 -28.65 28.99 7.06
C LEU D 20 -28.04 27.64 7.37
N SER D 21 -28.87 26.68 7.76
CA SER D 21 -28.43 25.36 8.16
C SER D 21 -28.90 24.32 7.14
N CYS D 22 -28.04 23.33 6.88
CA CYS D 22 -28.35 22.23 5.97
C CYS D 22 -27.94 20.95 6.69
N SER D 23 -28.92 20.20 7.19
CA SER D 23 -28.67 18.97 7.90
C SER D 23 -28.76 17.78 6.94
N ALA D 24 -27.71 16.97 6.92
CA ALA D 24 -27.66 15.80 6.06
C ALA D 24 -28.04 14.55 6.84
N SER D 25 -28.63 13.59 6.15
CA SER D 25 -28.99 12.32 6.77
C SER D 25 -29.05 11.24 5.70
N GLY D 26 -28.43 10.11 5.98
CA GLY D 26 -28.45 8.97 5.08
C GLY D 26 -27.23 8.78 4.22
N PHE D 27 -26.18 9.57 4.41
CA PHE D 27 -24.97 9.41 3.61
C PHE D 27 -23.79 10.00 4.37
N ALA D 28 -22.59 9.66 3.91
CA ALA D 28 -21.37 10.09 4.56
C ALA D 28 -21.08 11.56 4.28
N PHE D 29 -21.61 12.44 5.14
CA PHE D 29 -21.46 13.88 4.93
C PHE D 29 -20.00 14.31 4.98
N SER D 30 -19.16 13.57 5.70
CA SER D 30 -17.77 13.99 5.85
C SER D 30 -17.02 13.93 4.52
N SER D 31 -17.33 12.94 3.69
CA SER D 31 -16.59 12.70 2.46
C SER D 31 -17.21 13.37 1.23
N PHE D 32 -18.28 14.15 1.41
CA PHE D 32 -18.95 14.82 0.32
C PHE D 32 -18.63 16.31 0.33
N GLY D 33 -18.14 16.82 -0.79
CA GLY D 33 -18.06 18.26 -0.94
C GLY D 33 -19.45 18.87 -0.97
N MET D 34 -19.58 20.08 -0.43
CA MET D 34 -20.87 20.73 -0.33
C MET D 34 -20.83 22.07 -1.06
N HIS D 35 -21.99 22.45 -1.61
CA HIS D 35 -22.13 23.73 -2.29
C HIS D 35 -23.41 24.40 -1.81
N TRP D 36 -23.43 25.71 -1.89
CA TRP D 36 -24.65 26.50 -1.77
C TRP D 36 -24.90 27.16 -3.10
N VAL D 37 -26.07 26.91 -3.69
CA VAL D 37 -26.46 27.47 -4.98
C VAL D 37 -27.80 28.16 -4.84
N ARG D 38 -27.88 29.41 -5.28
CA ARG D 38 -29.09 30.21 -5.14
C ARG D 38 -29.81 30.31 -6.47
N GLN D 39 -31.13 30.43 -6.41
CA GLN D 39 -31.96 30.66 -7.57
C GLN D 39 -32.83 31.88 -7.32
N ALA D 40 -32.80 32.83 -8.25
CA ALA D 40 -33.63 34.00 -8.15
C ALA D 40 -35.10 33.62 -8.34
N PRO D 41 -36.02 34.43 -7.81
CA PRO D 41 -37.45 34.08 -7.93
C PRO D 41 -37.93 33.94 -9.36
N GLU D 42 -37.32 34.65 -10.31
CA GLU D 42 -37.76 34.56 -11.70
C GLU D 42 -36.58 34.50 -12.66
N LYS D 43 -35.48 33.89 -12.25
CA LYS D 43 -34.29 33.78 -13.09
C LYS D 43 -33.67 32.40 -12.88
N GLY D 44 -32.45 32.24 -13.40
CA GLY D 44 -31.75 30.98 -13.31
C GLY D 44 -31.09 30.77 -11.96
N LEU D 45 -30.31 29.69 -11.88
CA LEU D 45 -29.63 29.33 -10.65
C LEU D 45 -28.26 30.00 -10.59
N GLU D 46 -27.92 30.51 -9.41
CA GLU D 46 -26.66 31.21 -9.18
C GLU D 46 -25.85 30.46 -8.14
N TRP D 47 -24.62 30.11 -8.48
CA TRP D 47 -23.73 29.46 -7.52
C TRP D 47 -23.27 30.46 -6.47
N VAL D 48 -23.31 30.05 -5.21
CA VAL D 48 -22.97 30.92 -4.09
C VAL D 48 -21.63 30.55 -3.48
N ALA D 49 -21.47 29.30 -3.07
CA ALA D 49 -20.25 28.95 -2.36
C ALA D 49 -19.98 27.45 -2.48
N TYR D 50 -18.74 27.07 -2.18
CA TYR D 50 -18.33 25.67 -2.20
C TYR D 50 -17.31 25.41 -1.10
N ILE D 51 -17.49 24.29 -0.41
CA ILE D 51 -16.56 23.83 0.62
C ILE D 51 -16.23 22.37 0.36
N SER D 52 -14.96 22.03 0.47
CA SER D 52 -14.50 20.69 0.11
C SER D 52 -14.72 19.73 1.28
N SER D 53 -14.11 18.56 1.19
CA SER D 53 -14.20 17.57 2.27
C SER D 53 -13.16 17.89 3.34
N GLY D 54 -13.61 18.01 4.59
CA GLY D 54 -12.72 18.40 5.66
C GLY D 54 -12.42 19.88 5.74
N SER D 55 -13.17 20.71 5.02
CA SER D 55 -13.01 22.16 5.05
C SER D 55 -11.61 22.59 4.60
N GLY D 56 -10.95 21.77 3.78
CA GLY D 56 -9.62 22.11 3.32
C GLY D 56 -9.56 23.09 2.18
N THR D 57 -10.69 23.38 1.54
CA THR D 57 -10.73 24.30 0.41
C THR D 57 -12.10 24.95 0.37
N ILE D 58 -12.12 26.28 0.25
CA ILE D 58 -13.36 27.04 0.25
C ILE D 58 -13.30 28.06 -0.88
N TYR D 59 -14.39 28.15 -1.66
CA TYR D 59 -14.53 29.16 -2.70
C TYR D 59 -15.86 29.87 -2.52
N TYR D 60 -15.87 31.15 -2.87
CA TYR D 60 -17.08 31.96 -2.84
C TYR D 60 -17.29 32.60 -4.20
N ALA D 61 -18.55 32.91 -4.49
CA ALA D 61 -18.87 33.69 -5.67
C ALA D 61 -18.42 35.13 -5.48
N ASP D 62 -18.10 35.79 -6.59
CA ASP D 62 -17.65 37.19 -6.52
C ASP D 62 -18.71 38.08 -5.89
N THR D 63 -19.99 37.77 -6.10
CA THR D 63 -21.05 38.62 -5.57
C THR D 63 -21.05 38.62 -4.05
N VAL D 64 -20.84 37.46 -3.43
CA VAL D 64 -20.98 37.32 -1.98
C VAL D 64 -19.64 37.10 -1.30
N LYS D 65 -18.54 37.20 -2.03
CA LYS D 65 -17.23 37.01 -1.41
C LYS D 65 -16.97 38.11 -0.39
N GLY D 66 -16.47 37.70 0.78
CA GLY D 66 -16.24 38.61 1.87
C GLY D 66 -17.43 38.82 2.78
N ARG D 67 -18.64 38.71 2.25
CA ARG D 67 -19.85 38.87 3.06
C ARG D 67 -20.44 37.54 3.52
N PHE D 68 -20.07 36.43 2.88
CA PHE D 68 -20.59 35.12 3.22
C PHE D 68 -19.46 34.24 3.73
N THR D 69 -19.77 33.42 4.74
CA THR D 69 -18.84 32.44 5.28
C THR D 69 -19.50 31.08 5.28
N ILE D 70 -18.77 30.06 4.84
CA ILE D 70 -19.30 28.71 4.76
C ILE D 70 -18.50 27.83 5.72
N SER D 71 -19.20 26.87 6.35
CA SER D 71 -18.55 25.99 7.31
C SER D 71 -19.33 24.68 7.37
N ARG D 72 -18.71 23.67 7.97
CA ARG D 72 -19.36 22.38 8.13
C ARG D 72 -18.97 21.77 9.47
N ASP D 73 -19.94 21.12 10.10
CA ASP D 73 -19.74 20.35 11.33
C ASP D 73 -19.95 18.89 10.97
N ASP D 74 -18.84 18.17 10.79
CA ASP D 74 -18.91 16.75 10.44
C ASP D 74 -19.56 15.91 11.54
N PRO D 75 -19.17 16.02 12.82
CA PRO D 75 -19.84 15.18 13.83
C PRO D 75 -21.33 15.40 13.92
N LYS D 76 -21.80 16.62 13.72
CA LYS D 76 -23.23 16.91 13.71
C LYS D 76 -23.86 16.75 12.34
N ASN D 77 -23.06 16.52 11.31
CA ASN D 77 -23.53 16.41 9.93
C ASN D 77 -24.36 17.64 9.55
N THR D 78 -23.71 18.80 9.60
CA THR D 78 -24.41 20.05 9.33
C THR D 78 -23.56 20.95 8.46
N LEU D 79 -24.22 21.75 7.62
CA LEU D 79 -23.56 22.73 6.76
C LEU D 79 -24.13 24.10 7.07
N PHE D 80 -23.25 25.06 7.35
CA PHE D 80 -23.65 26.38 7.81
C PHE D 80 -23.22 27.44 6.80
N LEU D 81 -24.13 28.35 6.49
CA LEU D 81 -23.83 29.54 5.68
C LEU D 81 -24.18 30.75 6.52
N GLN D 82 -23.16 31.51 6.93
CA GLN D 82 -23.35 32.74 7.67
C GLN D 82 -23.30 33.90 6.69
N MET D 83 -24.37 34.68 6.63
CA MET D 83 -24.52 35.77 5.69
C MET D 83 -24.62 37.08 6.47
N THR D 84 -23.80 38.05 6.09
CA THR D 84 -23.80 39.36 6.70
C THR D 84 -23.89 40.43 5.62
N SER D 85 -24.53 41.55 5.96
CA SER D 85 -24.75 42.66 5.04
C SER D 85 -25.50 42.18 3.78
N LEU D 86 -26.72 41.72 4.00
CA LEU D 86 -27.53 41.18 2.92
C LEU D 86 -28.09 42.32 2.09
N ARG D 87 -27.68 42.39 0.82
CA ARG D 87 -28.23 43.37 -0.09
C ARG D 87 -29.59 42.90 -0.62
N SER D 88 -30.34 43.82 -1.21
CA SER D 88 -31.65 43.50 -1.74
C SER D 88 -31.58 42.55 -2.93
N GLU D 89 -30.41 42.33 -3.51
CA GLU D 89 -30.23 41.41 -4.62
C GLU D 89 -29.87 40.00 -4.18
N ASP D 90 -29.73 39.76 -2.88
CA ASP D 90 -29.38 38.45 -2.36
C ASP D 90 -30.59 37.62 -1.98
N THR D 91 -31.81 38.15 -2.14
CA THR D 91 -33.00 37.36 -1.89
C THR D 91 -33.13 36.28 -2.96
N ALA D 92 -33.28 35.03 -2.53
CA ALA D 92 -33.30 33.90 -3.46
C ALA D 92 -33.71 32.65 -2.69
N MET D 93 -33.84 31.55 -3.43
CA MET D 93 -34.03 30.23 -2.86
C MET D 93 -32.69 29.51 -2.88
N TYR D 94 -32.19 29.14 -1.71
CA TYR D 94 -30.89 28.50 -1.58
C TYR D 94 -31.04 26.99 -1.47
N TYR D 95 -30.18 26.27 -2.19
CA TYR D 95 -30.13 24.82 -2.17
C TYR D 95 -28.72 24.39 -1.78
N CYS D 96 -28.62 23.48 -0.81
CA CYS D 96 -27.34 22.89 -0.47
C CYS D 96 -27.18 21.61 -1.27
N VAL D 97 -26.09 21.53 -2.03
CA VAL D 97 -25.88 20.51 -3.04
C VAL D 97 -24.70 19.66 -2.65
N ARG D 98 -24.90 18.35 -2.58
CA ARG D 98 -23.80 17.44 -2.39
C ARG D 98 -23.07 17.24 -3.72
N SER D 99 -21.77 16.94 -3.62
CA SER D 99 -20.99 16.63 -4.81
C SER D 99 -19.71 15.96 -4.35
N ILE D 100 -19.46 14.75 -4.83
CA ILE D 100 -18.25 14.01 -4.50
C ILE D 100 -17.38 13.98 -5.75
N TYR D 101 -16.07 13.97 -5.54
CA TYR D 101 -15.12 14.15 -6.64
C TYR D 101 -14.08 13.03 -6.63
N TYR D 102 -14.21 12.11 -7.58
CA TYR D 102 -13.17 11.12 -7.86
C TYR D 102 -13.40 10.63 -9.28
N TYR D 103 -12.50 9.78 -9.76
CA TYR D 103 -12.59 9.30 -11.13
C TYR D 103 -13.90 8.53 -11.33
N GLY D 104 -14.81 9.12 -12.10
CA GLY D 104 -16.11 8.52 -12.32
C GLY D 104 -17.20 9.00 -11.41
N SER D 105 -16.93 10.00 -10.56
CA SER D 105 -17.94 10.51 -9.65
C SER D 105 -18.97 11.34 -10.41
N SER D 106 -20.09 11.61 -9.73
CA SER D 106 -21.20 12.37 -10.30
C SER D 106 -21.46 13.58 -9.41
N PRO D 107 -20.73 14.67 -9.62
CA PRO D 107 -20.96 15.87 -8.80
C PRO D 107 -22.35 16.42 -9.00
N PHE D 108 -22.85 17.11 -7.96
CA PHE D 108 -24.16 17.74 -7.98
C PHE D 108 -25.28 16.73 -8.19
N ASP D 109 -25.06 15.50 -7.74
CA ASP D 109 -26.03 14.44 -7.98
C ASP D 109 -27.31 14.67 -7.18
N PHE D 110 -27.19 14.97 -5.90
CA PHE D 110 -28.35 15.17 -5.04
C PHE D 110 -28.38 16.60 -4.53
N TRP D 111 -29.50 17.28 -4.77
CA TRP D 111 -29.72 18.64 -4.30
C TRP D 111 -30.72 18.61 -3.16
N GLY D 112 -30.43 19.32 -2.09
CA GLY D 112 -31.32 19.36 -0.95
C GLY D 112 -32.60 20.11 -1.27
N GLN D 113 -33.35 20.38 -0.20
CA GLN D 113 -34.57 21.17 -0.33
C GLN D 113 -34.19 22.63 -0.53
N GLY D 114 -35.20 23.50 -0.52
CA GLY D 114 -34.99 24.93 -0.75
C GLY D 114 -35.25 25.72 0.53
N THR D 115 -34.45 26.76 0.73
CA THR D 115 -34.65 27.71 1.81
C THR D 115 -34.86 29.09 1.19
N THR D 116 -36.02 29.68 1.45
CA THR D 116 -36.32 31.00 0.92
C THR D 116 -35.68 32.08 1.79
N LEU D 117 -35.11 33.09 1.15
CA LEU D 117 -34.49 34.20 1.87
C LEU D 117 -34.90 35.49 1.16
N THR D 118 -35.71 36.31 1.83
CA THR D 118 -36.24 37.54 1.24
C THR D 118 -35.62 38.73 1.96
N VAL D 119 -34.84 39.53 1.22
CA VAL D 119 -34.21 40.72 1.74
C VAL D 119 -35.06 41.92 1.36
N SER D 120 -35.47 42.71 2.35
CA SER D 120 -36.31 43.88 2.12
C SER D 120 -35.54 44.95 1.33
N SER D 136 -11.59 35.79 -17.06
CA SER D 136 -12.87 36.14 -16.43
C SER D 136 -13.76 34.90 -16.32
N ASP D 137 -14.98 35.11 -15.81
CA ASP D 137 -15.92 34.01 -15.65
C ASP D 137 -16.34 33.46 -17.01
N ILE D 138 -16.46 32.14 -17.10
CA ILE D 138 -16.95 31.49 -18.31
C ILE D 138 -18.48 31.59 -18.29
N VAL D 139 -19.04 32.33 -19.25
CA VAL D 139 -20.47 32.57 -19.30
C VAL D 139 -21.12 31.55 -20.22
N MET D 140 -22.21 30.96 -19.75
CA MET D 140 -22.95 29.96 -20.51
C MET D 140 -24.19 30.60 -21.11
N THR D 141 -24.41 30.39 -22.40
CA THR D 141 -25.51 31.00 -23.13
C THR D 141 -26.55 29.94 -23.48
N GLN D 142 -27.80 30.21 -23.13
CA GLN D 142 -28.93 29.37 -23.49
C GLN D 142 -29.84 30.19 -24.38
N ALA D 143 -29.65 30.07 -25.70
CA ALA D 143 -30.39 30.92 -26.64
C ALA D 143 -31.89 30.68 -26.53
N THR D 144 -32.32 29.42 -26.46
CA THR D 144 -33.73 29.13 -26.31
C THR D 144 -34.24 29.58 -24.95
N SER D 145 -35.42 30.19 -24.94
CA SER D 145 -36.05 30.62 -23.71
C SER D 145 -37.27 29.80 -23.33
N SER D 146 -37.99 29.27 -24.30
CA SER D 146 -39.12 28.38 -24.04
C SER D 146 -39.42 27.61 -25.33
N VAL D 147 -39.38 26.29 -25.26
CA VAL D 147 -39.59 25.45 -26.43
C VAL D 147 -40.87 24.65 -26.25
N PRO D 148 -41.98 25.02 -26.90
CA PRO D 148 -43.20 24.23 -26.81
C PRO D 148 -43.05 22.92 -27.58
N VAL D 149 -43.28 21.80 -26.90
CA VAL D 149 -43.11 20.48 -27.49
C VAL D 149 -44.30 19.61 -27.11
N THR D 150 -44.48 18.54 -27.89
CA THR D 150 -45.54 17.57 -27.66
C THR D 150 -44.96 16.27 -27.13
N PRO D 151 -45.70 15.56 -26.27
CA PRO D 151 -45.18 14.29 -25.74
C PRO D 151 -44.93 13.28 -26.85
N GLY D 152 -43.86 12.51 -26.68
CA GLY D 152 -43.47 11.50 -27.65
C GLY D 152 -42.63 12.02 -28.80
N GLU D 153 -42.33 13.31 -28.84
CA GLU D 153 -41.55 13.91 -29.92
C GLU D 153 -40.15 14.23 -29.40
N SER D 154 -39.13 13.73 -30.10
CA SER D 154 -37.75 13.99 -29.71
C SER D 154 -37.42 15.46 -29.93
N VAL D 155 -36.83 16.09 -28.91
CA VAL D 155 -36.47 17.50 -28.97
C VAL D 155 -35.02 17.65 -28.50
N SER D 156 -34.52 18.88 -28.59
CA SER D 156 -33.15 19.18 -28.22
C SER D 156 -33.06 20.55 -27.57
N ILE D 157 -32.09 20.71 -26.68
CA ILE D 157 -31.79 21.97 -26.02
C ILE D 157 -30.33 22.30 -26.31
N SER D 158 -30.08 23.53 -26.77
CA SER D 158 -28.75 23.96 -27.17
C SER D 158 -28.15 24.91 -26.14
N CYS D 159 -26.88 24.72 -25.85
CA CYS D 159 -26.15 25.56 -24.89
C CYS D 159 -24.79 25.90 -25.48
N ARG D 160 -24.30 27.09 -25.12
CA ARG D 160 -23.03 27.58 -25.62
C ARG D 160 -22.18 28.12 -24.48
N SER D 161 -20.87 27.97 -24.62
CA SER D 161 -19.91 28.41 -23.62
C SER D 161 -19.00 29.48 -24.21
N SER D 162 -18.60 30.43 -23.36
CA SER D 162 -17.65 31.45 -23.80
C SER D 162 -16.30 30.84 -24.13
N LYS D 163 -15.84 29.90 -23.31
CA LYS D 163 -14.57 29.23 -23.51
C LYS D 163 -14.79 27.74 -23.68
N SER D 164 -13.81 27.09 -24.32
CA SER D 164 -13.92 25.66 -24.57
C SER D 164 -13.86 24.88 -23.25
N LEU D 165 -14.82 23.99 -23.05
CA LEU D 165 -14.89 23.19 -21.84
C LEU D 165 -14.15 21.87 -21.95
N LEU D 166 -13.59 21.55 -23.12
CA LEU D 166 -12.81 20.34 -23.28
C LEU D 166 -11.44 20.53 -22.64
N HIS D 167 -11.12 19.69 -21.67
CA HIS D 167 -9.86 19.81 -20.95
C HIS D 167 -8.78 18.96 -21.63
N SER D 168 -7.54 19.18 -21.22
CA SER D 168 -6.42 18.44 -21.79
C SER D 168 -6.48 16.95 -21.47
N ASN D 169 -7.29 16.55 -20.48
CA ASN D 169 -7.43 15.15 -20.11
C ASN D 169 -8.56 14.46 -20.85
N GLY D 170 -9.22 15.15 -21.78
CA GLY D 170 -10.34 14.56 -22.50
C GLY D 170 -11.66 14.60 -21.77
N ASN D 171 -11.76 15.37 -20.71
CA ASN D 171 -12.97 15.46 -19.90
C ASN D 171 -13.61 16.82 -20.12
N THR D 172 -14.85 16.83 -20.58
CA THR D 172 -15.58 18.06 -20.85
C THR D 172 -16.60 18.28 -19.73
N TYR D 173 -16.33 19.27 -18.88
CA TYR D 173 -17.08 19.45 -17.63
C TYR D 173 -18.32 20.29 -17.91
N LEU D 174 -19.35 19.64 -18.43
CA LEU D 174 -20.65 20.24 -18.63
C LEU D 174 -21.71 19.39 -17.95
N TYR D 175 -22.65 20.05 -17.27
CA TYR D 175 -23.68 19.36 -16.51
C TYR D 175 -25.04 19.88 -16.93
N TRP D 176 -26.04 18.99 -16.95
CA TRP D 176 -27.41 19.34 -17.26
C TRP D 176 -28.29 19.05 -16.05
N PHE D 177 -29.05 20.05 -15.62
CA PHE D 177 -29.92 19.93 -14.45
C PHE D 177 -31.36 20.19 -14.86
N LEU D 178 -32.28 19.45 -14.24
CA LEU D 178 -33.69 19.57 -14.51
C LEU D 178 -34.39 20.07 -13.26
N GLN D 179 -35.26 21.06 -13.41
CA GLN D 179 -36.07 21.56 -12.32
C GLN D 179 -37.54 21.51 -12.74
N ARG D 180 -38.29 20.60 -12.14
CA ARG D 180 -39.72 20.54 -12.36
C ARG D 180 -40.42 21.63 -11.56
N PRO D 181 -41.58 22.11 -12.03
CA PRO D 181 -42.31 23.15 -11.30
C PRO D 181 -42.56 22.79 -9.84
N GLY D 182 -42.00 23.58 -8.94
CA GLY D 182 -42.15 23.33 -7.52
C GLY D 182 -41.31 22.20 -6.98
N GLN D 183 -40.26 21.80 -7.69
CA GLN D 183 -39.39 20.71 -7.27
C GLN D 183 -37.94 21.15 -7.37
N SER D 184 -37.12 20.64 -6.45
CA SER D 184 -35.70 20.98 -6.43
C SER D 184 -35.00 20.38 -7.64
N PRO D 185 -33.90 20.99 -8.09
CA PRO D 185 -33.20 20.47 -9.27
C PRO D 185 -32.57 19.11 -9.01
N GLN D 186 -32.36 18.39 -10.10
CA GLN D 186 -31.70 17.09 -10.06
C GLN D 186 -30.76 17.00 -11.25
N LEU D 187 -29.71 16.19 -11.10
CA LEU D 187 -28.73 16.03 -12.17
C LEU D 187 -29.27 15.09 -13.22
N LEU D 188 -29.13 15.49 -14.49
CA LEU D 188 -29.51 14.65 -15.63
C LEU D 188 -28.30 14.05 -16.31
N ILE D 189 -27.38 14.89 -16.78
CA ILE D 189 -26.21 14.45 -17.53
C ILE D 189 -24.99 15.17 -16.98
N TYR D 190 -23.97 14.42 -16.61
CA TYR D 190 -22.75 14.99 -16.07
C TYR D 190 -21.58 14.73 -17.02
N ARG D 191 -20.76 15.75 -17.20
CA ARG D 191 -19.58 15.70 -18.07
C ARG D 191 -19.96 15.46 -19.53
N MET D 192 -21.16 15.90 -19.90
CA MET D 192 -21.58 16.10 -21.30
C MET D 192 -21.85 14.81 -22.05
N SER D 193 -21.44 13.68 -21.50
CA SER D 193 -21.71 12.42 -22.18
C SER D 193 -22.37 11.40 -21.26
N ASN D 194 -22.01 11.39 -19.98
CA ASN D 194 -22.48 10.38 -19.05
C ASN D 194 -23.87 10.74 -18.52
N LEU D 195 -24.66 9.71 -18.23
CA LEU D 195 -26.01 9.88 -17.74
C LEU D 195 -26.05 9.60 -16.24
N ALA D 196 -26.69 10.49 -15.49
CA ALA D 196 -26.80 10.33 -14.05
C ALA D 196 -27.67 9.13 -13.71
N SER D 197 -27.36 8.50 -12.59
CA SER D 197 -28.12 7.32 -12.16
C SER D 197 -29.54 7.70 -11.79
N GLY D 198 -30.48 6.81 -12.12
CA GLY D 198 -31.89 7.05 -11.86
C GLY D 198 -32.61 7.86 -12.93
N VAL D 199 -31.89 8.30 -13.96
CA VAL D 199 -32.48 9.10 -15.04
C VAL D 199 -32.78 8.16 -16.20
N PRO D 200 -33.97 8.28 -16.82
CA PRO D 200 -34.29 7.38 -17.94
C PRO D 200 -33.31 7.56 -19.10
N ASP D 201 -33.09 6.47 -19.82
CA ASP D 201 -32.15 6.45 -20.94
C ASP D 201 -32.60 7.29 -22.12
N ARG D 202 -33.75 7.97 -22.03
CA ARG D 202 -34.19 8.83 -23.12
C ARG D 202 -33.22 9.97 -23.35
N PHE D 203 -32.69 10.55 -22.26
CA PHE D 203 -31.80 11.69 -22.38
C PHE D 203 -30.45 11.28 -22.94
N SER D 204 -29.85 12.18 -23.74
CA SER D 204 -28.49 12.00 -24.21
C SER D 204 -27.87 13.37 -24.40
N GLY D 205 -26.55 13.41 -24.29
CA GLY D 205 -25.83 14.66 -24.43
C GLY D 205 -24.71 14.51 -25.44
N SER D 206 -24.51 15.57 -26.23
CA SER D 206 -23.48 15.54 -27.25
C SER D 206 -22.99 16.96 -27.49
N GLY D 207 -22.01 17.09 -28.38
CA GLY D 207 -21.49 18.37 -28.76
C GLY D 207 -19.99 18.48 -28.50
N SER D 208 -19.45 19.62 -28.90
CA SER D 208 -18.03 19.93 -28.75
C SER D 208 -17.89 21.20 -27.92
N GLY D 209 -16.65 21.67 -27.79
CA GLY D 209 -16.36 22.85 -27.01
C GLY D 209 -17.20 24.05 -27.43
N THR D 210 -17.82 24.70 -26.45
CA THR D 210 -18.64 25.89 -26.64
C THR D 210 -19.92 25.61 -27.42
N ALA D 211 -20.28 24.34 -27.63
CA ALA D 211 -21.50 24.03 -28.37
C ALA D 211 -22.00 22.64 -27.95
N PHE D 212 -23.02 22.62 -27.11
CA PHE D 212 -23.53 21.37 -26.55
C PHE D 212 -25.02 21.24 -26.79
N THR D 213 -25.48 20.01 -26.90
CA THR D 213 -26.88 19.71 -27.17
C THR D 213 -27.34 18.58 -26.26
N LEU D 214 -28.44 18.82 -25.55
CA LEU D 214 -29.12 17.80 -24.76
C LEU D 214 -30.33 17.35 -25.56
N THR D 215 -30.27 16.14 -26.11
CA THR D 215 -31.32 15.60 -26.96
C THR D 215 -32.11 14.56 -26.18
N ILE D 216 -33.43 14.73 -26.13
CA ILE D 216 -34.32 13.77 -25.50
C ILE D 216 -35.22 13.17 -26.57
N SER D 217 -35.52 11.89 -26.42
CA SER D 217 -36.36 11.17 -27.37
C SER D 217 -37.56 10.60 -26.62
N ARG D 218 -38.73 10.66 -27.27
CA ARG D 218 -39.99 10.20 -26.68
C ARG D 218 -40.23 10.86 -25.32
N LEU D 219 -40.37 12.19 -25.37
CA LEU D 219 -40.62 12.96 -24.16
C LEU D 219 -41.91 12.49 -23.51
N GLU D 220 -41.86 12.30 -22.19
CA GLU D 220 -42.98 11.77 -21.43
C GLU D 220 -43.54 12.86 -20.53
N ALA D 221 -44.54 12.48 -19.73
CA ALA D 221 -45.12 13.40 -18.77
C ALA D 221 -44.14 13.72 -17.65
N GLU D 222 -44.40 14.82 -16.96
CA GLU D 222 -43.57 15.29 -15.85
C GLU D 222 -42.17 15.66 -16.31
N ASP D 223 -41.92 15.60 -17.62
CA ASP D 223 -40.66 16.07 -18.18
C ASP D 223 -40.65 17.57 -18.43
N VAL D 224 -41.80 18.22 -18.36
CA VAL D 224 -41.87 19.66 -18.53
C VAL D 224 -41.19 20.35 -17.34
N GLY D 225 -40.45 21.40 -17.63
CA GLY D 225 -39.72 22.09 -16.60
C GLY D 225 -38.55 22.86 -17.18
N VAL D 226 -37.71 23.37 -16.30
CA VAL D 226 -36.56 24.18 -16.66
C VAL D 226 -35.34 23.29 -16.78
N TYR D 227 -34.49 23.58 -17.76
CA TYR D 227 -33.25 22.86 -17.98
C TYR D 227 -32.09 23.84 -17.93
N TYR D 228 -31.09 23.52 -17.11
CA TYR D 228 -29.94 24.40 -16.91
C TYR D 228 -28.67 23.68 -17.34
N CYS D 229 -27.86 24.37 -18.14
CA CYS D 229 -26.54 23.88 -18.50
C CYS D 229 -25.50 24.63 -17.67
N MET D 230 -24.75 23.89 -16.87
CA MET D 230 -23.75 24.45 -15.96
C MET D 230 -22.36 24.01 -16.39
N GLN D 231 -21.41 24.91 -16.26
CA GLN D 231 -20.00 24.59 -16.51
C GLN D 231 -19.29 24.33 -15.19
N HIS D 232 -18.33 23.41 -15.22
CA HIS D 232 -17.54 23.12 -14.04
C HIS D 232 -16.06 23.08 -14.35
N LEU D 233 -15.62 23.73 -15.43
CA LEU D 233 -14.20 23.74 -15.77
C LEU D 233 -13.39 24.41 -14.68
N GLU D 234 -13.77 25.62 -14.30
CA GLU D 234 -13.12 26.36 -13.21
C GLU D 234 -14.20 27.03 -12.38
N TYR D 235 -13.77 27.80 -11.44
CA TYR D 235 -14.72 28.57 -10.65
C TYR D 235 -14.72 30.03 -11.09
N PRO D 236 -15.86 30.73 -10.98
CA PRO D 236 -17.15 30.33 -10.40
C PRO D 236 -17.92 29.32 -11.24
N LEU D 237 -18.97 28.74 -10.68
CA LEU D 237 -19.83 27.78 -11.38
C LEU D 237 -20.99 28.57 -11.98
N THR D 238 -20.83 28.98 -13.24
CA THR D 238 -21.82 29.84 -13.89
C THR D 238 -22.83 28.96 -14.61
N PHE D 239 -24.08 29.02 -14.16
CA PHE D 239 -25.17 28.35 -14.84
C PHE D 239 -25.58 29.14 -16.08
N GLY D 240 -26.12 28.43 -17.05
CA GLY D 240 -26.71 29.10 -18.19
C GLY D 240 -28.05 29.71 -17.83
N ALA D 241 -28.59 30.48 -18.77
CA ALA D 241 -29.92 31.05 -18.57
C ALA D 241 -30.96 29.95 -18.42
N GLY D 242 -30.76 28.82 -19.08
CA GLY D 242 -31.65 27.68 -18.93
C GLY D 242 -32.89 27.79 -19.79
N THR D 243 -33.18 26.74 -20.54
CA THR D 243 -34.37 26.72 -21.38
C THR D 243 -35.56 26.16 -20.58
N LYS D 244 -36.72 26.17 -21.20
CA LYS D 244 -37.92 25.66 -20.55
C LYS D 244 -38.73 24.84 -21.54
N LEU D 245 -39.19 23.68 -21.11
CA LEU D 245 -40.03 22.81 -21.92
C LEU D 245 -41.43 22.79 -21.30
N GLU D 246 -42.43 23.14 -22.09
CA GLU D 246 -43.81 23.18 -21.64
C GLU D 246 -44.71 22.59 -22.71
N LEU D 247 -45.87 22.09 -22.29
CA LEU D 247 -46.83 21.50 -23.21
C LEU D 247 -47.52 22.57 -24.04
N LEU E 206 41.06 18.98 -0.93
CA LEU E 206 40.31 20.23 -0.98
C LEU E 206 38.88 20.00 -1.40
N GLY E 207 38.57 20.28 -2.67
CA GLY E 207 37.22 20.12 -3.17
C GLY E 207 36.81 18.67 -3.33
N GLY E 208 37.76 17.75 -3.45
CA GLY E 208 37.42 16.35 -3.61
C GLY E 208 36.69 15.79 -2.39
N LEU E 209 37.15 16.14 -1.20
CA LEU E 209 36.48 15.69 0.02
C LEU E 209 35.07 16.27 0.10
N ILE E 210 34.91 17.54 -0.29
CA ILE E 210 33.59 18.16 -0.28
C ILE E 210 32.66 17.44 -1.25
N LEU E 211 33.15 17.12 -2.45
CA LEU E 211 32.34 16.40 -3.42
C LEU E 211 31.97 15.02 -2.92
N PHE E 212 32.92 14.32 -2.27
CA PHE E 212 32.64 13.00 -1.74
C PHE E 212 31.57 13.06 -0.65
N GLY E 213 31.67 14.06 0.24
CA GLY E 213 30.67 14.21 1.28
C GLY E 213 29.30 14.54 0.72
N VAL E 214 29.26 15.42 -0.29
CA VAL E 214 27.99 15.76 -0.93
C VAL E 214 27.37 14.54 -1.58
N LEU E 215 28.19 13.75 -2.28
CA LEU E 215 27.68 12.53 -2.92
C LEU E 215 27.16 11.54 -1.89
N GLY E 216 27.89 11.37 -0.78
CA GLY E 216 27.42 10.47 0.25
C GLY E 216 26.11 10.92 0.87
N ASN E 217 26.00 12.21 1.15
CA ASN E 217 24.75 12.74 1.71
C ASN E 217 23.60 12.58 0.73
N ILE E 218 23.85 12.82 -0.57
CA ILE E 218 22.82 12.65 -1.57
C ILE E 218 22.37 11.19 -1.66
N LEU E 219 23.34 10.26 -1.62
CA LEU E 219 23.00 8.85 -1.66
C LEU E 219 22.18 8.44 -0.44
N VAL E 220 22.55 8.95 0.74
CA VAL E 220 21.79 8.66 1.95
C VAL E 220 20.37 9.19 1.83
N ILE E 221 20.22 10.42 1.32
CA ILE E 221 18.90 11.00 1.15
C ILE E 221 18.06 10.18 0.18
N LEU E 222 18.67 9.75 -0.92
CA LEU E 222 17.95 8.94 -1.91
C LEU E 222 17.52 7.60 -1.30
N SER E 223 18.42 6.95 -0.56
CA SER E 223 18.08 5.68 0.06
C SER E 223 17.04 5.83 1.15
N VAL E 224 16.94 7.01 1.76
CA VAL E 224 15.94 7.25 2.79
C VAL E 224 14.53 7.32 2.23
N ALA E 225 14.38 7.42 0.91
CA ALA E 225 13.06 7.46 0.29
C ALA E 225 12.84 6.35 -0.73
N CYS E 226 13.87 5.56 -1.05
CA CYS E 226 13.72 4.51 -2.06
C CYS E 226 12.92 3.32 -1.53
N HIS E 227 12.95 3.09 -0.22
CA HIS E 227 12.29 1.94 0.38
C HIS E 227 11.32 2.39 1.46
N ARG E 228 10.25 1.62 1.63
CA ARG E 228 9.24 1.92 2.63
C ARG E 228 9.69 1.59 4.05
N HIS E 229 10.80 0.88 4.21
CA HIS E 229 11.31 0.57 5.54
C HIS E 229 11.73 1.83 6.28
N LEU E 230 11.93 2.94 5.57
CA LEU E 230 12.27 4.21 6.20
C LEU E 230 11.02 4.97 6.65
N HIS E 231 10.17 4.30 7.43
CA HIS E 231 8.97 4.91 7.96
C HIS E 231 9.04 5.18 9.46
N SER E 232 10.00 4.59 10.17
CA SER E 232 10.15 4.83 11.58
C SER E 232 10.85 6.16 11.83
N VAL E 233 10.68 6.68 13.05
CA VAL E 233 11.22 7.99 13.39
C VAL E 233 12.74 8.00 13.32
N THR E 234 13.39 6.85 13.53
CA THR E 234 14.84 6.80 13.42
C THR E 234 15.30 7.11 12.01
N HIS E 235 14.57 6.64 11.00
CA HIS E 235 14.91 7.00 9.63
C HIS E 235 14.64 8.47 9.35
N TYR E 236 13.62 9.05 9.99
CA TYR E 236 13.40 10.48 9.90
C TYR E 236 14.60 11.25 10.44
N TYR E 237 15.13 10.83 11.58
CA TYR E 237 16.31 11.49 12.13
C TYR E 237 17.53 11.28 11.24
N ILE E 238 17.67 10.09 10.67
CA ILE E 238 18.79 9.82 9.76
C ILE E 238 18.73 10.74 8.55
N VAL E 239 17.54 10.87 7.95
CA VAL E 239 17.43 11.73 6.78
C VAL E 239 17.57 13.19 7.17
N ASN E 240 17.17 13.56 8.40
CA ASN E 240 17.40 14.93 8.87
C ASN E 240 18.89 15.23 8.95
N LEU E 241 19.66 14.31 9.52
CA LEU E 241 21.11 14.49 9.56
C LEU E 241 21.70 14.55 8.16
N ALA E 242 21.24 13.68 7.27
CA ALA E 242 21.75 13.69 5.90
C ALA E 242 21.45 15.00 5.20
N VAL E 243 20.23 15.52 5.38
CA VAL E 243 19.86 16.81 4.80
C VAL E 243 20.73 17.91 5.36
N ALA E 244 20.96 17.91 6.67
CA ALA E 244 21.79 18.93 7.28
C ALA E 244 23.21 18.89 6.73
N ASP E 245 23.78 17.68 6.60
CA ASP E 245 25.14 17.57 6.07
C ASP E 245 25.21 17.97 4.61
N LEU E 246 24.22 17.57 3.80
CA LEU E 246 24.22 17.95 2.39
C LEU E 246 24.09 19.46 2.23
N LEU E 247 23.21 20.08 3.02
CA LEU E 247 23.08 21.53 2.97
C LEU E 247 24.37 22.21 3.39
N LEU E 248 24.99 21.74 4.48
CA LEU E 248 26.25 22.29 4.93
C LEU E 248 27.29 22.23 3.81
N THR E 249 27.46 21.06 3.20
CA THR E 249 28.44 20.91 2.13
C THR E 249 28.13 21.85 0.98
N SER E 250 26.96 21.67 0.34
CA SER E 250 26.63 22.40 -0.87
C SER E 250 26.49 23.89 -0.65
N THR E 251 26.40 24.36 0.59
CA THR E 251 26.27 25.79 0.85
C THR E 251 27.53 26.43 1.40
N VAL E 252 28.46 25.67 1.98
CA VAL E 252 29.63 26.26 2.61
C VAL E 252 30.95 25.73 2.09
N LEU E 253 31.04 24.46 1.67
CA LEU E 253 32.34 23.88 1.36
C LEU E 253 33.03 24.55 0.17
N PRO E 254 32.37 24.78 -0.97
CA PRO E 254 33.06 25.52 -2.04
C PRO E 254 33.48 26.93 -1.62
N PHE E 255 32.66 27.61 -0.83
CA PHE E 255 33.01 28.95 -0.38
C PHE E 255 34.20 28.92 0.55
N SER E 256 34.25 27.97 1.48
CA SER E 256 35.40 27.84 2.36
C SER E 256 36.65 27.49 1.56
N ALA E 257 36.50 26.62 0.56
CA ALA E 257 37.66 26.24 -0.26
C ALA E 257 38.20 27.44 -1.04
N ILE E 258 37.32 28.23 -1.63
CA ILE E 258 37.78 29.39 -2.40
C ILE E 258 38.36 30.45 -1.47
N PHE E 259 37.81 30.59 -0.25
CA PHE E 259 38.39 31.51 0.72
C PHE E 259 39.79 31.07 1.12
N GLU E 260 39.99 29.76 1.35
CA GLU E 260 41.30 29.26 1.71
C GLU E 260 42.29 29.41 0.56
N VAL E 261 41.84 29.18 -0.67
CA VAL E 261 42.74 29.21 -1.82
C VAL E 261 43.11 30.65 -2.16
N LEU E 262 42.11 31.47 -2.47
CA LEU E 262 42.39 32.85 -2.85
C LEU E 262 42.97 33.65 -1.69
N GLY E 263 42.59 33.32 -0.45
CA GLY E 263 43.10 34.01 0.71
C GLY E 263 42.38 35.30 1.06
N TYR E 264 41.33 35.66 0.33
CA TYR E 264 40.60 36.90 0.61
C TYR E 264 39.13 36.66 0.29
N TRP E 265 38.28 37.48 0.92
CA TRP E 265 36.86 37.41 0.66
C TRP E 265 36.57 37.88 -0.76
N ALA E 266 35.71 37.14 -1.46
CA ALA E 266 35.31 37.47 -2.82
C ALA E 266 33.90 38.01 -2.93
N PHE E 267 32.94 37.36 -2.26
CA PHE E 267 31.54 37.76 -2.39
C PHE E 267 31.24 39.06 -1.67
N GLY E 268 32.11 39.50 -0.76
CA GLY E 268 31.91 40.74 -0.04
C GLY E 268 31.44 40.51 1.38
N ARG E 269 31.70 41.50 2.23
CA ARG E 269 31.35 41.40 3.64
C ARG E 269 29.85 41.23 3.83
N VAL E 270 29.05 41.85 2.96
CA VAL E 270 27.61 41.65 3.03
C VAL E 270 27.25 40.22 2.66
N PHE E 271 27.99 39.62 1.73
CA PHE E 271 27.75 38.24 1.31
C PHE E 271 28.67 37.24 1.97
N CYS E 272 29.55 37.69 2.87
CA CYS E 272 30.36 36.78 3.67
C CYS E 272 29.95 36.74 5.13
N ASN E 273 29.22 37.75 5.62
CA ASN E 273 28.68 37.70 6.97
C ASN E 273 27.67 36.56 7.10
N ILE E 274 26.84 36.36 6.07
CA ILE E 274 25.91 35.25 6.09
C ILE E 274 26.65 33.92 6.02
N TRP E 275 27.79 33.87 5.32
CA TRP E 275 28.59 32.66 5.27
C TRP E 275 29.11 32.27 6.64
N ALA E 276 29.21 33.22 7.57
CA ALA E 276 29.54 32.91 8.95
C ALA E 276 28.32 32.55 9.78
N ALA E 277 27.13 32.65 9.22
CA ALA E 277 25.89 32.25 9.89
C ALA E 277 25.28 30.98 9.32
N VAL E 278 25.34 30.81 8.00
CA VAL E 278 24.89 29.55 7.41
C VAL E 278 25.78 28.41 7.87
N ASP E 279 27.08 28.65 7.98
CA ASP E 279 28.01 27.61 8.41
C ASP E 279 27.69 27.15 9.83
N VAL E 280 27.51 28.10 10.75
CA VAL E 280 27.20 27.72 12.12
C VAL E 280 25.82 27.09 12.21
N LEU E 281 24.86 27.57 11.43
CA LEU E 281 23.54 26.96 11.42
C LEU E 281 23.62 25.50 11.02
N CYS E 282 24.33 25.21 9.94
CA CYS E 282 24.41 23.84 9.45
C CYS E 282 25.21 22.94 10.40
N CYS E 283 26.30 23.47 10.96
CA CYS E 283 27.07 22.67 11.92
C CYS E 283 26.25 22.35 13.16
N THR E 284 25.53 23.35 13.69
CA THR E 284 24.67 23.11 14.84
C THR E 284 23.57 22.13 14.50
N ALA E 285 23.01 22.23 13.29
CA ALA E 285 21.98 21.29 12.87
C ALA E 285 22.52 19.88 12.83
N SER E 286 23.73 19.70 12.30
CA SER E 286 24.33 18.37 12.26
C SER E 286 24.57 17.81 13.66
N ILE E 287 25.11 18.63 14.56
CA ILE E 287 25.40 18.15 15.89
C ILE E 287 24.11 17.83 16.66
N MET E 288 23.10 18.68 16.54
CA MET E 288 21.84 18.40 17.18
C MET E 288 21.14 17.19 16.58
N GLY E 289 21.35 16.94 15.28
CA GLY E 289 20.85 15.72 14.69
C GLY E 289 21.53 14.49 15.26
N LEU E 290 22.84 14.55 15.46
CA LEU E 290 23.53 13.45 16.13
C LEU E 290 22.97 13.25 17.54
N CYS E 291 22.73 14.35 18.26
CA CYS E 291 22.21 14.26 19.61
C CYS E 291 20.82 13.62 19.63
N ILE E 292 19.95 14.03 18.71
CA ILE E 292 18.60 13.48 18.71
C ILE E 292 18.61 12.02 18.25
N ILE E 293 19.55 11.65 17.36
CA ILE E 293 19.69 10.25 16.99
C ILE E 293 20.10 9.42 18.19
N SER E 294 21.05 9.93 18.98
CA SER E 294 21.45 9.21 20.19
C SER E 294 20.30 9.09 21.18
N ILE E 295 19.52 10.17 21.33
CA ILE E 295 18.37 10.12 22.24
C ILE E 295 17.37 9.07 21.78
N ASP E 296 17.11 9.02 20.46
CA ASP E 296 16.19 8.03 19.93
C ASP E 296 16.70 6.62 20.17
N ARG E 297 17.99 6.39 19.94
CA ARG E 297 18.54 5.06 20.18
C ARG E 297 18.43 4.66 21.65
N TYR E 298 18.70 5.61 22.56
CA TYR E 298 18.58 5.30 23.98
C TYR E 298 17.15 4.96 24.37
N ILE E 299 16.19 5.78 23.92
CA ILE E 299 14.82 5.52 24.32
C ILE E 299 14.32 4.23 23.69
N GLY E 300 14.84 3.88 22.51
CA GLY E 300 14.47 2.63 21.89
C GLY E 300 15.04 1.41 22.58
N VAL E 301 16.27 1.51 23.08
CA VAL E 301 16.90 0.36 23.72
C VAL E 301 16.40 0.18 25.14
N SER E 302 16.32 1.27 25.90
CA SER E 302 15.91 1.16 27.30
C SER E 302 14.43 0.85 27.45
N TYR E 303 13.62 1.22 26.47
CA TYR E 303 12.19 0.93 26.47
C TYR E 303 11.84 0.28 25.14
N PRO E 304 12.19 -1.00 24.97
CA PRO E 304 12.04 -1.64 23.66
C PRO E 304 10.61 -1.72 23.16
N LEU E 305 9.71 -2.29 23.96
CA LEU E 305 8.35 -2.51 23.52
C LEU E 305 7.44 -1.31 23.76
N ARG E 306 7.92 -0.28 24.47
CA ARG E 306 7.19 0.96 24.62
C ARG E 306 7.71 2.05 23.68
N TYR E 307 8.62 1.71 22.78
CA TYR E 307 9.14 2.68 21.84
C TYR E 307 8.05 3.29 20.95
N PRO E 308 7.16 2.51 20.32
CA PRO E 308 6.12 3.14 19.50
C PRO E 308 5.21 4.09 20.26
N THR E 309 4.90 3.80 21.53
CA THR E 309 3.99 4.64 22.29
C THR E 309 4.70 5.80 23.00
N ILE E 310 6.04 5.84 22.96
CA ILE E 310 6.80 6.94 23.52
C ILE E 310 7.28 7.84 22.40
N VAL E 311 8.09 7.29 21.50
CA VAL E 311 8.55 8.03 20.32
C VAL E 311 7.47 7.83 19.26
N THR E 312 6.58 8.82 19.15
CA THR E 312 5.48 8.78 18.20
C THR E 312 5.59 9.97 17.26
N GLN E 313 5.13 9.79 16.03
CA GLN E 313 4.93 10.93 15.17
C GLN E 313 3.91 11.87 15.81
N ARG E 314 4.05 13.16 15.54
CA ARG E 314 3.47 14.30 16.26
C ARG E 314 4.32 14.59 17.49
N ARG E 315 5.33 13.78 17.78
CA ARG E 315 6.33 14.11 18.78
C ARG E 315 7.74 14.08 18.23
N GLY E 316 8.09 13.11 17.39
CA GLY E 316 9.38 13.15 16.72
C GLY E 316 9.50 14.34 15.79
N LEU E 317 8.41 14.69 15.11
CA LEU E 317 8.42 15.91 14.30
C LEU E 317 8.63 17.13 15.18
N MET E 318 8.03 17.13 16.37
CA MET E 318 8.27 18.23 17.30
C MET E 318 9.74 18.32 17.67
N ALA E 319 10.38 17.18 17.95
CA ALA E 319 11.80 17.19 18.28
C ALA E 319 12.63 17.72 17.12
N LEU E 320 12.33 17.27 15.91
CA LEU E 320 13.08 17.72 14.73
C LEU E 320 12.92 19.23 14.52
N LEU E 321 11.69 19.74 14.63
CA LEU E 321 11.47 21.17 14.43
C LEU E 321 12.10 21.98 15.55
N CYS E 322 12.10 21.47 16.78
CA CYS E 322 12.80 22.15 17.87
C CYS E 322 14.30 22.19 17.61
N VAL E 323 14.85 21.10 17.08
CA VAL E 323 16.28 21.06 16.74
C VAL E 323 16.60 22.14 15.72
N TRP E 324 15.81 22.21 14.64
CA TRP E 324 16.07 23.23 13.63
C TRP E 324 15.85 24.64 14.18
N ALA E 325 14.85 24.81 15.04
CA ALA E 325 14.60 26.13 15.63
C ALA E 325 15.77 26.57 16.50
N LEU E 326 16.31 25.66 17.30
CA LEU E 326 17.48 26.00 18.12
C LEU E 326 18.68 26.32 17.24
N SER E 327 18.86 25.56 16.15
CA SER E 327 19.97 25.83 15.25
C SER E 327 19.86 27.23 14.65
N LEU E 328 18.66 27.60 14.17
CA LEU E 328 18.49 28.92 13.59
C LEU E 328 18.60 30.02 14.64
N VAL E 329 18.12 29.76 15.86
CA VAL E 329 18.27 30.74 16.93
C VAL E 329 19.73 31.02 17.21
N ILE E 330 20.54 29.96 17.28
CA ILE E 330 21.98 30.15 17.51
C ILE E 330 22.61 30.88 16.33
N SER E 331 22.19 30.54 15.10
CA SER E 331 22.82 31.14 13.93
C SER E 331 22.47 32.61 13.76
N ILE E 332 21.30 33.04 14.25
CA ILE E 332 20.89 34.43 14.06
C ILE E 332 21.76 35.40 14.85
N GLY E 333 22.47 34.91 15.87
CA GLY E 333 23.32 35.73 16.71
C GLY E 333 24.18 36.75 15.97
N PRO E 334 25.04 36.29 15.06
CA PRO E 334 25.86 37.24 14.29
C PRO E 334 25.05 38.26 13.51
N LEU E 335 23.88 37.88 13.00
CA LEU E 335 23.03 38.81 12.27
C LEU E 335 22.17 39.67 13.18
N PHE E 336 22.19 39.43 14.48
CA PHE E 336 21.46 40.25 15.44
C PHE E 336 22.33 41.36 16.02
N GLY E 337 23.48 41.63 15.43
CA GLY E 337 24.44 42.57 15.97
C GLY E 337 25.44 41.96 16.94
N TRP E 338 25.31 40.69 17.28
CA TRP E 338 26.22 40.02 18.19
C TRP E 338 27.41 39.47 17.41
N ARG E 339 28.27 40.38 16.98
CA ARG E 339 29.49 40.04 16.26
C ARG E 339 30.51 41.14 16.48
N GLN E 340 31.78 40.81 16.22
CA GLN E 340 32.84 41.78 16.38
C GLN E 340 32.72 42.87 15.33
N PRO E 341 33.25 44.07 15.60
CA PRO E 341 33.19 45.15 14.61
C PRO E 341 33.81 44.72 13.28
N ALA E 342 33.01 44.77 12.23
CA ALA E 342 33.46 44.32 10.93
C ALA E 342 34.57 45.23 10.41
N PRO E 343 35.62 44.65 9.82
CA PRO E 343 36.69 45.48 9.24
C PRO E 343 36.18 46.30 8.07
N GLU E 344 36.80 47.47 7.87
CA GLU E 344 36.42 48.34 6.77
C GLU E 344 36.72 47.68 5.43
N ASP E 345 37.87 47.03 5.31
CA ASP E 345 38.27 46.38 4.06
C ASP E 345 37.49 45.08 3.90
N GLU E 346 36.57 45.06 2.95
CA GLU E 346 35.74 43.87 2.72
C GLU E 346 36.51 42.72 2.12
N THR E 347 37.75 42.93 1.68
CA THR E 347 38.55 41.84 1.15
C THR E 347 38.92 40.82 2.21
N ILE E 348 38.79 41.16 3.48
CA ILE E 348 39.12 40.27 4.59
C ILE E 348 37.84 39.98 5.35
N CYS E 349 37.50 38.70 5.45
CA CYS E 349 36.29 38.24 6.14
C CYS E 349 36.71 37.30 7.26
N GLN E 350 36.32 37.63 8.49
CA GLN E 350 36.75 36.89 9.66
C GLN E 350 35.55 36.51 10.51
N ILE E 351 35.68 35.39 11.23
CA ILE E 351 34.64 34.95 12.14
C ILE E 351 34.54 35.93 13.31
N ASN E 352 33.43 35.84 14.04
CA ASN E 352 33.17 36.70 15.18
C ASN E 352 33.60 35.99 16.45
N GLU E 353 34.35 36.68 17.30
CA GLU E 353 34.86 36.13 18.55
C GLU E 353 34.37 36.94 19.74
N GLU E 354 33.14 37.43 19.67
CA GLU E 354 32.55 38.11 20.80
C GLU E 354 32.41 37.13 21.97
N PRO E 355 32.90 37.46 23.17
CA PRO E 355 32.89 36.47 24.25
C PRO E 355 31.51 35.94 24.58
N GLY E 356 30.49 36.79 24.57
CA GLY E 356 29.13 36.31 24.81
C GLY E 356 28.66 35.37 23.72
N TYR E 357 28.85 35.76 22.46
CA TYR E 357 28.50 34.88 21.36
C TYR E 357 29.34 33.63 21.36
N VAL E 358 30.64 33.75 21.66
CA VAL E 358 31.51 32.58 21.69
C VAL E 358 31.00 31.58 22.71
N LEU E 359 30.74 32.04 23.94
CA LEU E 359 30.27 31.12 24.97
C LEU E 359 28.93 30.52 24.60
N PHE E 360 27.99 31.34 24.13
CA PHE E 360 26.66 30.83 23.81
C PHE E 360 26.73 29.80 22.70
N SER E 361 27.37 30.14 21.58
CA SER E 361 27.43 29.24 20.44
C SER E 361 28.18 27.96 20.80
N ALA E 362 29.37 28.09 21.38
CA ALA E 362 30.17 26.91 21.70
C ALA E 362 29.40 25.98 22.65
N LEU E 363 28.90 26.53 23.76
CA LEU E 363 28.14 25.71 24.70
C LEU E 363 26.96 25.04 24.02
N GLY E 364 26.00 25.84 23.55
CA GLY E 364 24.75 25.30 23.05
C GLY E 364 24.87 24.55 21.73
N SER E 365 26.04 24.56 21.09
CA SER E 365 26.22 23.80 19.87
C SER E 365 27.03 22.54 20.06
N PHE E 366 27.95 22.51 21.02
CA PHE E 366 28.76 21.31 21.23
C PHE E 366 28.59 20.72 22.61
N TYR E 367 28.74 21.51 23.68
CA TYR E 367 28.93 20.94 25.00
C TYR E 367 27.68 20.26 25.51
N LEU E 368 26.54 20.95 25.43
CA LEU E 368 25.27 20.31 25.80
C LEU E 368 24.96 19.12 24.88
N PRO E 369 25.05 19.23 23.56
CA PRO E 369 24.90 18.03 22.72
C PRO E 369 25.93 16.95 23.04
N LEU E 370 27.18 17.32 23.31
CA LEU E 370 28.18 16.32 23.66
C LEU E 370 27.81 15.60 24.95
N ALA E 371 27.36 16.35 25.96
CA ALA E 371 26.98 15.74 27.22
C ALA E 371 25.81 14.79 27.03
N ILE E 372 24.79 15.21 26.28
CA ILE E 372 23.64 14.35 26.06
C ILE E 372 24.04 13.10 25.28
N ILE E 373 24.88 13.25 24.25
CA ILE E 373 25.33 12.11 23.48
C ILE E 373 26.09 11.14 24.37
N LEU E 374 27.00 11.65 25.20
CA LEU E 374 27.78 10.79 26.06
C LEU E 374 26.90 10.04 27.05
N VAL E 375 25.96 10.74 27.68
CA VAL E 375 25.10 10.10 28.66
C VAL E 375 24.25 9.01 28.00
N MET E 376 23.61 9.34 26.88
CA MET E 376 22.72 8.39 26.22
C MET E 376 23.50 7.18 25.71
N TYR E 377 24.66 7.41 25.11
CA TYR E 377 25.42 6.29 24.57
C TYR E 377 26.06 5.45 25.67
N CYS E 378 26.42 6.05 26.80
CA CYS E 378 26.91 5.24 27.92
C CYS E 378 25.79 4.37 28.48
N ARG E 379 24.58 4.92 28.62
CA ARG E 379 23.46 4.10 29.07
C ARG E 379 23.15 2.99 28.07
N VAL E 380 23.22 3.30 26.77
CA VAL E 380 22.99 2.28 25.74
C VAL E 380 24.05 1.19 25.84
N TYR E 381 25.31 1.57 26.04
CA TYR E 381 26.37 0.58 26.17
C TYR E 381 26.16 -0.31 27.39
N VAL E 382 25.73 0.29 28.51
CA VAL E 382 25.48 -0.49 29.71
C VAL E 382 24.36 -1.50 29.45
N VAL E 383 23.28 -1.06 28.81
CA VAL E 383 22.16 -1.96 28.53
C VAL E 383 22.59 -3.07 27.57
N ALA E 384 23.36 -2.72 26.54
CA ALA E 384 23.80 -3.71 25.57
C ALA E 384 24.71 -4.75 26.20
N LYS E 385 25.64 -4.30 27.06
CA LYS E 385 26.50 -5.25 27.76
C LYS E 385 25.71 -6.10 28.74
N ARG E 386 24.64 -5.54 29.31
CA ARG E 386 23.76 -6.33 30.16
C ARG E 386 23.12 -7.47 29.38
N GLU E 387 22.70 -7.21 28.15
CA GLU E 387 22.13 -8.22 27.28
C GLU E 387 23.16 -8.87 26.36
N SER E 388 24.43 -8.49 26.49
CA SER E 388 25.51 -9.04 25.69
C SER E 388 25.23 -8.92 24.18
N LYS E 413 31.49 -6.51 22.50
CA LYS E 413 32.67 -6.26 21.68
C LYS E 413 32.29 -5.56 20.38
N LYS E 414 31.41 -6.22 19.61
CA LYS E 414 30.93 -5.60 18.37
C LYS E 414 30.14 -4.33 18.67
N ALA E 415 29.24 -4.40 19.67
CA ALA E 415 28.55 -3.19 20.09
C ALA E 415 29.53 -2.16 20.65
N ALA E 416 30.51 -2.62 21.42
CA ALA E 416 31.53 -1.72 21.93
C ALA E 416 32.29 -1.04 20.79
N LYS E 417 32.68 -1.81 19.78
CA LYS E 417 33.44 -1.23 18.67
C LYS E 417 32.64 -0.15 17.95
N THR E 418 31.36 -0.45 17.65
CA THR E 418 30.54 0.51 16.92
C THR E 418 30.27 1.76 17.74
N LEU E 419 29.86 1.60 19.00
CA LEU E 419 29.59 2.77 19.83
C LEU E 419 30.85 3.60 20.03
N GLY E 420 31.98 2.94 20.28
CA GLY E 420 33.22 3.66 20.48
C GLY E 420 33.67 4.40 19.24
N ILE E 421 33.55 3.78 18.06
CA ILE E 421 33.98 4.46 16.85
C ILE E 421 33.07 5.64 16.56
N VAL E 422 31.77 5.51 16.82
CA VAL E 422 30.86 6.64 16.59
C VAL E 422 31.21 7.79 17.51
N VAL E 423 31.34 7.52 18.81
CA VAL E 423 31.64 8.59 19.77
C VAL E 423 33.00 9.20 19.47
N GLY E 424 34.01 8.37 19.18
CA GLY E 424 35.33 8.89 18.90
C GLY E 424 35.37 9.73 17.63
N CYS E 425 34.65 9.31 16.59
CA CYS E 425 34.66 10.08 15.35
C CYS E 425 33.91 11.40 15.52
N PHE E 426 32.91 11.43 16.41
CA PHE E 426 32.26 12.71 16.72
C PHE E 426 33.18 13.62 17.52
N VAL E 427 33.81 13.07 18.56
CA VAL E 427 34.61 13.90 19.48
C VAL E 427 35.88 14.38 18.80
N LEU E 428 36.65 13.46 18.21
CA LEU E 428 37.92 13.84 17.58
C LEU E 428 37.73 14.84 16.46
N CYS E 429 36.51 14.96 15.93
CA CYS E 429 36.25 15.93 14.88
C CYS E 429 35.70 17.25 15.40
N TRP E 430 34.87 17.24 16.44
CA TRP E 430 34.26 18.49 16.88
C TRP E 430 34.93 19.12 18.09
N LEU E 431 35.39 18.31 19.05
CA LEU E 431 36.09 18.86 20.21
C LEU E 431 37.31 19.71 19.87
N PRO E 432 38.17 19.33 18.92
CA PRO E 432 39.34 20.19 18.63
C PRO E 432 38.95 21.62 18.26
N PHE E 433 37.91 21.80 17.44
CA PHE E 433 37.52 23.15 17.05
C PHE E 433 36.92 23.90 18.23
N PHE E 434 36.02 23.25 18.97
CA PHE E 434 35.39 23.87 20.13
C PHE E 434 36.30 23.94 21.33
N LEU E 435 37.56 23.56 21.17
CA LEU E 435 38.60 23.85 22.16
C LEU E 435 39.57 24.91 21.69
N VAL E 436 39.94 24.91 20.41
CA VAL E 436 40.85 25.93 19.90
C VAL E 436 40.16 27.28 19.72
N MET E 437 38.84 27.30 19.54
CA MET E 437 38.16 28.57 19.38
C MET E 437 38.00 29.29 20.73
N PRO E 438 37.42 28.65 21.76
CA PRO E 438 37.31 29.35 23.05
C PRO E 438 38.65 29.70 23.67
N ILE E 439 39.69 28.89 23.46
CA ILE E 439 40.99 29.21 24.05
C ILE E 439 41.56 30.48 23.42
N GLY E 440 41.32 30.70 22.13
CA GLY E 440 41.72 31.94 21.51
C GLY E 440 40.80 33.09 21.85
N SER E 441 39.54 32.80 22.17
CA SER E 441 38.58 33.85 22.50
C SER E 441 38.83 34.40 23.90
N PHE E 442 39.13 33.54 24.86
CA PHE E 442 39.26 33.95 26.25
C PHE E 442 40.69 34.06 26.73
N PHE E 443 41.62 33.34 26.11
CA PHE E 443 43.03 33.34 26.52
C PHE E 443 43.89 33.62 25.30
N PRO E 444 43.99 34.88 24.89
CA PRO E 444 44.83 35.21 23.73
C PRO E 444 46.28 34.80 23.90
N ASP E 445 46.78 34.75 25.13
CA ASP E 445 48.14 34.26 25.36
C ASP E 445 48.27 32.79 24.94
N PHE E 446 47.26 31.99 25.23
CA PHE E 446 47.24 30.58 24.86
C PHE E 446 46.58 30.36 23.49
N LYS E 447 46.46 31.40 22.68
CA LYS E 447 45.82 31.25 21.38
C LYS E 447 46.73 30.45 20.44
N PRO E 448 46.21 29.45 19.76
CA PRO E 448 47.03 28.63 18.87
C PRO E 448 47.37 29.37 17.58
N SER E 449 48.03 28.67 16.67
CA SER E 449 48.44 29.24 15.40
C SER E 449 47.26 29.26 14.43
N GLU E 450 47.52 29.64 13.18
CA GLU E 450 46.48 29.69 12.16
C GLU E 450 46.32 28.39 11.40
N THR E 451 47.41 27.65 11.17
CA THR E 451 47.30 26.37 10.48
C THR E 451 46.46 25.38 11.28
N VAL E 452 46.69 25.32 12.60
CA VAL E 452 45.89 24.45 13.45
C VAL E 452 44.45 24.93 13.49
N PHE E 453 44.24 26.25 13.46
CA PHE E 453 42.88 26.77 13.43
C PHE E 453 42.15 26.34 12.15
N LYS E 454 42.84 26.40 11.01
CA LYS E 454 42.23 25.95 9.77
C LYS E 454 41.97 24.44 9.79
N ILE E 455 42.90 23.67 10.37
CA ILE E 455 42.69 22.23 10.48
C ILE E 455 41.46 21.92 11.31
N VAL E 456 41.30 22.61 12.44
CA VAL E 456 40.11 22.42 13.27
C VAL E 456 38.86 22.88 12.54
N PHE E 457 38.98 23.94 11.73
CA PHE E 457 37.85 24.41 10.95
C PHE E 457 37.39 23.37 9.94
N TRP E 458 38.33 22.71 9.27
CA TRP E 458 37.99 21.67 8.32
C TRP E 458 37.62 20.36 8.99
N LEU E 459 37.94 20.19 10.27
CA LEU E 459 37.54 18.99 10.99
C LEU E 459 36.03 18.85 11.04
N GLY E 460 35.31 19.96 11.22
CA GLY E 460 33.86 19.89 11.21
C GLY E 460 33.30 19.43 9.87
N TYR E 461 33.86 19.93 8.77
CA TYR E 461 33.44 19.48 7.46
C TYR E 461 33.78 18.00 7.26
N LEU E 462 34.92 17.56 7.77
CA LEU E 462 35.26 16.15 7.71
C LEU E 462 34.23 15.31 8.45
N ASN E 463 33.80 15.77 9.64
CA ASN E 463 32.76 15.06 10.39
C ASN E 463 31.45 15.04 9.62
N SER E 464 31.10 16.16 8.99
CA SER E 464 29.87 16.22 8.20
C SER E 464 29.91 15.21 7.06
N CYS E 465 31.06 15.07 6.40
CA CYS E 465 31.18 14.07 5.34
C CYS E 465 31.14 12.67 5.91
N ILE E 466 31.72 12.46 7.09
CA ILE E 466 31.82 11.11 7.66
C ILE E 466 30.46 10.60 8.12
N ASN E 467 29.63 11.47 8.69
CA ASN E 467 28.39 11.02 9.34
C ASN E 467 27.52 10.11 8.47
N PRO E 468 27.23 10.44 7.20
CA PRO E 468 26.43 9.50 6.39
C PRO E 468 27.13 8.19 6.10
N ILE E 469 28.44 8.12 6.25
CA ILE E 469 29.15 6.86 6.05
C ILE E 469 28.98 5.95 7.26
N ILE E 470 29.09 6.52 8.47
CA ILE E 470 29.17 5.69 9.67
C ILE E 470 27.80 5.45 10.32
N TYR E 471 26.86 6.39 10.20
CA TYR E 471 25.62 6.23 10.95
C TYR E 471 24.68 5.17 10.36
N PRO E 472 24.47 5.12 9.05
CA PRO E 472 23.62 4.04 8.51
C PRO E 472 24.15 2.65 8.81
N CYS E 473 25.46 2.45 8.83
CA CYS E 473 26.02 1.14 9.12
C CYS E 473 26.74 1.14 10.47
#